data_8RGU
#
_entry.id   8RGU
#
_cell.length_a   48.281
_cell.length_b   134.119
_cell.length_c   144.125
_cell.angle_alpha   90.00
_cell.angle_beta   90.00
_cell.angle_gamma   90.00
#
_symmetry.space_group_name_H-M   'P 21 21 21'
#
loop_
_entity.id
_entity.type
_entity.pdbx_description
1 polymer 'Arginase-2, mitochondrial'
2 non-polymer 'MANGANESE (II) ION'
3 non-polymer 'DIMETHYL SULFOXIDE'
4 non-polymer PROLINE
5 water water
#
_entity_poly.entity_id   1
_entity_poly.type   'polypeptide(L)'
_entity_poly.pdbx_seq_one_letter_code
;MHHHHHHGGGENLYFQSVHSVAVIGAPFSQGQKRKGVEHGPAAIREAGLMKRLSSLGCHLKDFGDLSFTPVPKDDLYNNL
IVNPRSVGLANQELAEVVSRAVSDGYSCVTLGGDHSLAIGTISGHARHCPDLCVVWVDAHADINTPLTTSSGNLHGQPVS
FLLRELQDKVPQLPGFSWIKPCISSASIVYIGLRDVDPPEHFILKNYDIQYFSMRDIDRLGIQKVMERTFDLLIGKRQRP
IHLSFDIDAFDPTLAPATGTPVVGGLTYREGMYIAEEIHNTGLLSALDLVEVNPQLATSEEEAKTTANLAVDVIASSFGQ
TREGGHIVYDQLPTPS
;
_entity_poly.pdbx_strand_id   A,B,C
#
# COMPACT_ATOMS: atom_id res chain seq x y z
N ASN A 12 23.96 -24.64 -6.52
CA ASN A 12 23.87 -23.79 -7.74
C ASN A 12 25.25 -23.39 -8.23
N LEU A 13 25.49 -23.63 -9.51
CA LEU A 13 26.82 -23.45 -10.07
C LEU A 13 26.87 -22.20 -10.95
N TYR A 14 25.68 -21.66 -11.29
CA TYR A 14 25.59 -20.69 -12.36
C TYR A 14 24.76 -19.49 -11.95
N PHE A 15 25.28 -18.30 -12.25
CA PHE A 15 24.64 -17.01 -11.84
C PHE A 15 24.69 -15.98 -12.94
N GLN A 16 23.70 -15.07 -12.99
CA GLN A 16 23.66 -14.06 -14.03
C GLN A 16 24.81 -13.11 -13.87
N SER A 17 25.24 -12.89 -12.63
CA SER A 17 26.43 -12.10 -12.38
C SER A 17 27.11 -12.55 -11.11
N VAL A 18 28.42 -12.28 -11.02
CA VAL A 18 29.19 -12.65 -9.84
C VAL A 18 29.83 -11.37 -9.29
N HIS A 19 29.46 -11.02 -8.06
CA HIS A 19 30.00 -9.83 -7.42
C HIS A 19 30.99 -10.21 -6.32
N SER A 20 31.99 -9.35 -6.14
CA SER A 20 32.92 -9.45 -5.04
C SER A 20 32.48 -8.42 -4.00
N VAL A 21 32.10 -8.89 -2.81
CA VAL A 21 31.51 -8.08 -1.77
C VAL A 21 32.28 -8.25 -0.46
N ALA A 22 32.72 -7.12 0.10
CA ALA A 22 33.29 -7.05 1.45
C ALA A 22 32.19 -6.66 2.43
N VAL A 23 32.22 -7.23 3.61
CA VAL A 23 31.26 -6.89 4.65
C VAL A 23 32.02 -6.39 5.89
N ILE A 24 31.63 -5.22 6.37
CA ILE A 24 32.24 -4.62 7.57
C ILE A 24 31.09 -4.34 8.53
N GLY A 25 31.20 -4.82 9.77
CA GLY A 25 30.29 -4.37 10.84
C GLY A 25 30.84 -3.11 11.50
N ALA A 26 29.98 -2.09 11.65
CA ALA A 26 30.38 -0.81 12.19
C ALA A 26 29.34 -0.39 13.21
N PRO A 27 29.48 -0.91 14.44
CA PRO A 27 28.44 -0.70 15.45
C PRO A 27 28.47 0.67 16.15
N PHE A 28 28.54 1.77 15.38
CA PHE A 28 28.49 3.14 15.90
C PHE A 28 27.16 3.33 16.62
N SER A 29 27.19 3.90 17.82
CA SER A 29 25.96 4.37 18.44
C SER A 29 26.11 5.81 18.91
N GLN A 30 27.33 6.32 18.85
CA GLN A 30 27.60 7.63 19.45
C GLN A 30 27.21 8.82 18.58
N GLY A 31 26.74 8.56 17.35
CA GLY A 31 26.21 9.61 16.51
C GLY A 31 24.78 9.96 16.87
N GLN A 32 24.24 9.28 17.91
CA GLN A 32 22.90 9.54 18.45
C GLN A 32 22.79 9.07 19.92
N LYS A 33 21.59 9.15 20.49
CA LYS A 33 21.43 8.95 21.94
C LYS A 33 20.72 7.68 22.38
N ARG A 34 20.14 6.93 21.43
CA ARG A 34 19.39 5.73 21.81
C ARG A 34 20.30 4.50 21.80
N LYS A 35 20.25 3.73 22.89
CA LYS A 35 21.08 2.54 22.97
C LYS A 35 20.46 1.43 22.13
N GLY A 36 21.29 0.57 21.56
CA GLY A 36 20.80 -0.62 20.88
C GLY A 36 21.20 -0.73 19.41
N VAL A 37 21.43 0.40 18.76
CA VAL A 37 21.79 0.44 17.33
C VAL A 37 23.18 -0.17 17.07
N GLU A 38 24.05 -0.18 18.09
CA GLU A 38 25.33 -0.86 18.00
C GLU A 38 25.13 -2.37 17.77
N HIS A 39 23.96 -2.89 18.10
CA HIS A 39 23.55 -4.27 17.80
C HIS A 39 22.98 -4.51 16.40
N GLY A 40 22.89 -3.45 15.60
CA GLY A 40 22.44 -3.60 14.21
C GLY A 40 23.24 -4.64 13.43
N PRO A 41 24.59 -4.57 13.46
CA PRO A 41 25.30 -5.50 12.59
C PRO A 41 25.08 -6.97 12.94
N ALA A 42 25.02 -7.27 14.24
CA ALA A 42 24.72 -8.63 14.71
C ALA A 42 23.34 -9.06 14.27
N ALA A 43 22.35 -8.17 14.43
CA ALA A 43 20.99 -8.47 13.99
C ALA A 43 20.95 -8.82 12.49
N ILE A 44 21.65 -8.07 11.67
CA ILE A 44 21.63 -8.30 10.22
C ILE A 44 22.39 -9.59 9.82
N ARG A 45 23.51 -9.86 10.50
CA ARG A 45 24.22 -11.13 10.32
C ARG A 45 23.36 -12.32 10.75
N GLU A 46 22.67 -12.17 11.89
CA GLU A 46 21.78 -13.25 12.38
C GLU A 46 20.57 -13.53 11.49
N ALA A 47 20.12 -12.51 10.76
CA ALA A 47 19.08 -12.68 9.76
C ALA A 47 19.59 -13.44 8.51
N GLY A 48 20.86 -13.84 8.54
CA GLY A 48 21.45 -14.72 7.52
C GLY A 48 22.07 -14.04 6.30
N LEU A 49 22.59 -12.83 6.48
CA LEU A 49 23.18 -12.04 5.38
C LEU A 49 24.25 -12.78 4.57
N MET A 50 25.25 -13.36 5.24
CA MET A 50 26.36 -14.01 4.52
C MET A 50 25.90 -15.18 3.65
N LYS A 51 25.05 -16.02 4.22
CA LYS A 51 24.39 -17.13 3.54
C LYS A 51 23.63 -16.63 2.31
N ARG A 52 22.89 -15.54 2.47
CA ARG A 52 22.07 -15.03 1.38
C ARG A 52 22.97 -14.60 0.23
N LEU A 53 24.01 -13.85 0.54
CA LEU A 53 24.97 -13.34 -0.46
C LEU A 53 25.69 -14.50 -1.18
N SER A 54 26.02 -15.54 -0.42
CA SER A 54 26.65 -16.75 -0.99
C SER A 54 25.73 -17.42 -1.98
N SER A 55 24.45 -17.46 -1.64
CA SER A 55 23.41 -18.05 -2.49
C SER A 55 23.20 -17.26 -3.79
N LEU A 56 23.66 -16.01 -3.79
CA LEU A 56 23.64 -15.17 -4.99
C LEU A 56 24.94 -15.21 -5.76
N GLY A 57 25.87 -16.07 -5.33
CA GLY A 57 27.10 -16.31 -6.10
C GLY A 57 28.17 -15.26 -5.86
N CYS A 58 28.08 -14.53 -4.74
CA CYS A 58 29.08 -13.52 -4.43
C CYS A 58 30.37 -14.16 -3.91
N HIS A 59 31.51 -13.64 -4.34
CA HIS A 59 32.77 -13.85 -3.58
C HIS A 59 32.71 -12.94 -2.36
N LEU A 60 32.94 -13.50 -1.18
CA LEU A 60 32.77 -12.75 0.06
C LEU A 60 34.07 -12.59 0.82
N LYS A 61 34.33 -11.38 1.30
CA LYS A 61 35.38 -11.15 2.30
C LYS A 61 34.72 -10.49 3.50
N ASP A 62 34.74 -11.18 4.62
CA ASP A 62 34.15 -10.66 5.84
C ASP A 62 35.26 -10.03 6.72
N PHE A 63 35.24 -8.70 6.85
CA PHE A 63 36.18 -7.97 7.69
C PHE A 63 35.83 -8.03 9.18
N GLY A 64 34.73 -8.72 9.50
CA GLY A 64 34.25 -8.84 10.87
C GLY A 64 33.66 -7.53 11.36
N ASP A 65 33.49 -7.42 12.67
CA ASP A 65 32.92 -6.22 13.25
C ASP A 65 33.99 -5.43 13.94
N LEU A 66 34.02 -4.14 13.69
CA LEU A 66 35.03 -3.29 14.31
C LEU A 66 34.62 -3.00 15.75
N SER A 67 35.59 -2.56 16.57
CA SER A 67 35.31 -2.21 17.98
C SER A 67 35.92 -0.87 18.38
N ASP A 74 35.98 12.69 25.93
CA ASP A 74 35.26 13.24 24.78
C ASP A 74 34.23 14.28 25.22
N ASP A 75 34.65 15.54 25.22
CA ASP A 75 33.75 16.58 25.69
C ASP A 75 32.94 17.19 24.52
N LEU A 76 31.73 17.63 24.83
CA LEU A 76 30.84 18.29 23.88
C LEU A 76 31.55 19.39 23.11
N TYR A 77 31.18 19.58 21.84
CA TYR A 77 31.60 20.76 21.09
C TYR A 77 30.52 21.83 21.17
N ASN A 78 30.92 23.03 21.59
CA ASN A 78 30.04 24.19 21.75
C ASN A 78 28.78 23.89 22.54
N ASN A 79 28.92 23.07 23.58
CA ASN A 79 27.81 22.64 24.46
C ASN A 79 26.60 21.99 23.75
N LEU A 80 26.82 21.45 22.56
CA LEU A 80 25.74 20.82 21.80
C LEU A 80 26.12 19.47 21.17
N ILE A 81 27.19 19.46 20.39
CA ILE A 81 27.58 18.28 19.60
C ILE A 81 28.19 17.23 20.49
N VAL A 82 27.53 16.08 20.57
CA VAL A 82 27.97 15.03 21.48
C VAL A 82 28.96 14.08 20.77
N ASN A 83 29.97 13.63 21.53
CA ASN A 83 30.94 12.61 21.09
C ASN A 83 31.66 12.91 19.79
N PRO A 84 32.13 14.16 19.61
CA PRO A 84 32.75 14.44 18.32
C PRO A 84 34.04 13.64 18.08
N ARG A 85 34.91 13.51 19.08
CA ARG A 85 36.17 12.77 18.92
C ARG A 85 35.97 11.27 18.72
N SER A 86 35.09 10.64 19.50
CA SER A 86 34.79 9.24 19.32
C SER A 86 34.23 8.95 17.93
N VAL A 87 33.37 9.85 17.45
CA VAL A 87 32.69 9.65 16.18
C VAL A 87 33.60 9.99 15.03
N GLY A 88 34.31 11.13 15.13
CA GLY A 88 35.27 11.54 14.12
C GLY A 88 36.42 10.53 13.93
N LEU A 89 36.84 9.93 15.04
CA LEU A 89 38.00 9.04 15.05
C LEU A 89 37.62 7.64 14.59
N ALA A 90 36.49 7.13 15.09
CA ALA A 90 35.91 5.85 14.65
C ALA A 90 35.67 5.86 13.13
N ASN A 91 35.26 7.03 12.63
CA ASN A 91 35.08 7.20 11.19
C ASN A 91 36.38 7.26 10.43
N GLN A 92 37.43 7.80 11.04
CA GLN A 92 38.76 7.76 10.42
C GLN A 92 39.19 6.32 10.21
N GLU A 93 38.96 5.47 11.22
CA GLU A 93 39.34 4.06 11.15
C GLU A 93 38.50 3.28 10.12
N LEU A 94 37.19 3.52 10.15
CA LEU A 94 36.28 2.92 9.21
C LEU A 94 36.67 3.32 7.80
N ALA A 95 37.01 4.59 7.61
CA ALA A 95 37.42 5.09 6.30
C ALA A 95 38.58 4.27 5.73
N GLU A 96 39.50 3.88 6.61
CA GLU A 96 40.67 3.10 6.20
C GLU A 96 40.31 1.72 5.70
N VAL A 97 39.44 1.05 6.44
CA VAL A 97 38.97 -0.29 6.08
C VAL A 97 38.22 -0.24 4.73
N VAL A 98 37.34 0.73 4.56
CA VAL A 98 36.57 0.85 3.32
C VAL A 98 37.48 1.13 2.13
N SER A 99 38.45 2.03 2.31
CA SER A 99 39.39 2.34 1.23
C SER A 99 40.14 1.07 0.80
N ARG A 100 40.60 0.29 1.77
CA ARG A 100 41.27 -1.00 1.55
C ARG A 100 40.42 -2.00 0.78
N ALA A 101 39.19 -2.22 1.25
CA ALA A 101 38.23 -3.10 0.60
C ALA A 101 38.00 -2.72 -0.88
N VAL A 102 37.81 -1.43 -1.10
CA VAL A 102 37.45 -0.92 -2.44
C VAL A 102 38.65 -0.98 -3.37
N SER A 103 39.81 -0.64 -2.83
CA SER A 103 41.09 -0.72 -3.53
C SER A 103 41.41 -2.16 -4.00
N ASP A 104 41.01 -3.14 -3.19
CA ASP A 104 41.21 -4.55 -3.48
C ASP A 104 40.12 -5.16 -4.41
N GLY A 105 39.25 -4.31 -4.96
CA GLY A 105 38.21 -4.75 -5.89
C GLY A 105 36.86 -5.20 -5.32
N TYR A 106 36.60 -4.98 -4.02
CA TYR A 106 35.32 -5.34 -3.40
C TYR A 106 34.30 -4.18 -3.45
N SER A 107 33.04 -4.51 -3.70
CA SER A 107 31.94 -3.64 -3.34
C SER A 107 31.77 -3.74 -1.83
N CYS A 108 31.93 -2.61 -1.15
CA CYS A 108 32.03 -2.60 0.32
C CYS A 108 30.69 -2.34 1.00
N VAL A 109 30.16 -3.37 1.66
CA VAL A 109 28.95 -3.27 2.44
C VAL A 109 29.31 -3.00 3.91
N THR A 110 28.83 -1.88 4.44
CA THR A 110 28.96 -1.59 5.87
C THR A 110 27.63 -1.65 6.59
N LEU A 111 27.59 -2.45 7.66
CA LEU A 111 26.40 -2.56 8.49
C LEU A 111 26.53 -1.62 9.68
N GLY A 112 25.52 -0.76 9.88
CA GLY A 112 25.48 0.11 11.05
C GLY A 112 24.63 -0.50 12.14
N GLY A 113 24.58 0.11 13.33
CA GLY A 113 25.23 1.41 13.59
C GLY A 113 24.47 2.59 13.02
N ASP A 114 24.65 3.76 13.64
CA ASP A 114 23.85 4.92 13.28
C ASP A 114 24.47 5.57 12.03
N HIS A 115 23.72 6.48 11.44
CA HIS A 115 24.10 7.04 10.14
C HIS A 115 25.33 7.94 10.12
N SER A 116 25.85 8.29 11.29
CA SER A 116 27.10 9.03 11.34
C SER A 116 28.23 8.26 10.68
N LEU A 117 28.13 6.92 10.62
CA LEU A 117 29.16 6.12 9.96
C LEU A 117 29.41 6.43 8.46
N ALA A 118 28.43 7.06 7.77
CA ALA A 118 28.63 7.42 6.34
C ALA A 118 29.74 8.46 6.10
N ILE A 119 30.05 9.22 7.13
CA ILE A 119 31.22 10.10 7.13
C ILE A 119 32.46 9.26 6.74
N GLY A 120 32.66 8.18 7.49
CA GLY A 120 33.78 7.25 7.24
C GLY A 120 33.68 6.47 5.93
N THR A 121 32.52 5.87 5.66
CA THR A 121 32.43 4.98 4.48
C THR A 121 32.56 5.81 3.21
N ILE A 122 31.92 6.98 3.16
CA ILE A 122 31.98 7.78 1.94
C ILE A 122 33.40 8.37 1.75
N SER A 123 34.00 8.88 2.83
CA SER A 123 35.36 9.46 2.76
C SER A 123 36.32 8.38 2.28
N GLY A 124 36.27 7.20 2.91
CA GLY A 124 37.15 6.09 2.50
C GLY A 124 36.94 5.63 1.05
N HIS A 125 35.68 5.53 0.65
CA HIS A 125 35.32 5.14 -0.69
C HIS A 125 35.93 6.10 -1.72
N ALA A 126 35.87 7.40 -1.40
CA ALA A 126 36.31 8.49 -2.30
C ALA A 126 37.82 8.53 -2.53
N ARG A 127 38.59 7.91 -1.63
CA ARG A 127 40.06 7.91 -1.79
C ARG A 127 40.46 7.13 -3.01
N HIS A 128 39.76 6.06 -3.29
CA HIS A 128 40.02 5.25 -4.46
C HIS A 128 39.09 5.64 -5.61
N CYS A 129 37.88 6.10 -5.27
CA CYS A 129 36.89 6.45 -6.29
C CYS A 129 36.47 7.92 -6.18
N PRO A 130 37.39 8.84 -6.57
CA PRO A 130 37.13 10.28 -6.47
C PRO A 130 35.88 10.73 -7.26
N ASP A 131 35.51 10.00 -8.31
CA ASP A 131 34.36 10.38 -9.12
C ASP A 131 33.04 9.68 -8.68
N LEU A 132 32.98 9.20 -7.44
CA LEU A 132 31.80 8.45 -7.00
C LEU A 132 30.57 9.37 -6.92
N CYS A 133 29.38 8.78 -6.96
CA CYS A 133 28.17 9.52 -6.66
C CYS A 133 27.45 8.82 -5.49
N VAL A 134 26.49 9.52 -4.89
CA VAL A 134 25.87 8.98 -3.68
C VAL A 134 24.35 8.95 -3.88
N VAL A 135 23.74 7.80 -3.57
CA VAL A 135 22.29 7.72 -3.55
C VAL A 135 21.97 7.52 -2.06
N TRP A 136 21.27 8.50 -1.49
CA TRP A 136 21.00 8.55 -0.06
C TRP A 136 19.50 8.29 0.19
N VAL A 137 19.19 7.10 0.69
CA VAL A 137 17.82 6.66 0.80
C VAL A 137 17.51 6.67 2.29
N ASP A 138 16.56 7.51 2.67
CA ASP A 138 16.41 7.96 4.03
C ASP A 138 15.12 8.80 4.16
N ALA A 139 14.45 8.69 5.31
CA ALA A 139 13.41 9.63 5.72
C ALA A 139 14.02 11.03 5.92
N HIS A 140 15.34 11.06 6.21
CA HIS A 140 16.05 12.30 6.62
C HIS A 140 17.18 12.69 5.70
N ALA A 141 17.47 14.01 5.60
CA ALA A 141 18.54 14.50 4.71
C ALA A 141 19.89 14.46 5.43
N ASP A 142 19.84 14.40 6.76
CA ASP A 142 21.05 14.28 7.59
C ASP A 142 22.12 15.28 7.19
N ILE A 143 21.70 16.52 6.88
CA ILE A 143 22.60 17.54 6.26
C ILE A 143 22.69 18.80 7.12
N ASN A 144 22.26 18.70 8.37
CA ASN A 144 22.48 19.77 9.34
C ASN A 144 23.98 19.98 9.51
N THR A 145 24.40 21.22 9.72
CA THR A 145 25.79 21.45 10.09
C THR A 145 25.95 21.36 11.61
N PRO A 146 27.19 21.42 12.11
CA PRO A 146 27.35 21.51 13.57
C PRO A 146 26.71 22.80 14.13
N LEU A 147 26.49 23.78 13.26
CA LEU A 147 25.87 25.04 13.68
C LEU A 147 24.35 25.07 13.55
N THR A 148 23.76 24.23 12.68
CA THR A 148 22.31 24.26 12.46
C THR A 148 21.57 23.18 13.23
N THR A 149 22.30 22.15 13.65
CA THR A 149 21.71 21.05 14.41
C THR A 149 21.07 21.48 15.74
N SER A 150 19.91 20.89 16.04
CA SER A 150 19.15 21.15 17.29
C SER A 150 19.34 20.05 18.32
N SER A 151 19.72 18.86 17.84
CA SER A 151 19.83 17.70 18.71
C SER A 151 21.28 17.51 19.19
N GLY A 152 22.24 17.95 18.38
CA GLY A 152 23.68 17.71 18.62
C GLY A 152 24.14 16.34 18.13
N ASN A 153 23.19 15.52 17.65
CA ASN A 153 23.48 14.15 17.18
C ASN A 153 24.14 14.17 15.81
N LEU A 154 25.36 13.62 15.75
CA LEU A 154 26.13 13.62 14.50
C LEU A 154 25.53 12.80 13.36
N HIS A 155 24.65 11.85 13.68
CA HIS A 155 23.99 11.06 12.61
C HIS A 155 22.97 11.91 11.81
N GLY A 156 22.72 13.14 12.28
CA GLY A 156 21.85 14.11 11.60
C GLY A 156 22.69 15.14 10.83
N GLN A 157 24.02 14.96 10.85
CA GLN A 157 24.98 15.88 10.23
C GLN A 157 25.96 15.34 9.18
N PRO A 158 25.94 14.00 8.91
CA PRO A 158 27.07 13.48 8.14
C PRO A 158 27.29 14.14 6.78
N VAL A 159 26.21 14.48 6.08
CA VAL A 159 26.36 15.02 4.71
C VAL A 159 27.10 16.39 4.70
N SER A 160 26.91 17.17 5.76
CA SER A 160 27.57 18.49 5.85
C SER A 160 29.10 18.41 5.84
N PHE A 161 29.68 17.32 6.36
CA PHE A 161 31.13 17.14 6.38
C PHE A 161 31.68 16.73 5.02
N LEU A 162 30.81 16.15 4.20
CA LEU A 162 31.25 15.49 3.01
C LEU A 162 31.18 16.39 1.79
N LEU A 163 30.32 17.40 1.85
CA LEU A 163 29.93 18.22 0.70
C LEU A 163 30.86 19.42 0.49
N ARG A 164 31.51 19.46 -0.67
CA ARG A 164 32.45 20.54 -0.99
C ARG A 164 31.85 21.92 -0.74
N GLU A 165 30.70 22.18 -1.37
CA GLU A 165 30.05 23.50 -1.39
C GLU A 165 29.68 24.04 -0.02
N LEU A 166 29.71 23.20 1.01
CA LEU A 166 29.31 23.59 2.35
C LEU A 166 30.49 23.79 3.31
N GLN A 167 31.71 23.64 2.81
CA GLN A 167 32.90 23.61 3.67
C GLN A 167 33.06 24.84 4.56
N ASP A 168 32.79 26.02 4.00
CA ASP A 168 32.95 27.27 4.74
C ASP A 168 31.83 27.53 5.76
N LYS A 169 30.77 26.74 5.67
CA LYS A 169 29.67 26.81 6.63
C LYS A 169 29.89 25.82 7.78
N VAL A 170 30.93 25.00 7.65
CA VAL A 170 31.19 23.91 8.59
C VAL A 170 32.46 24.21 9.39
N PRO A 171 32.33 24.30 10.73
CA PRO A 171 33.49 24.50 11.61
C PRO A 171 34.28 23.21 11.77
N GLN A 172 35.54 23.35 12.17
CA GLN A 172 36.39 22.19 12.41
C GLN A 172 36.02 21.62 13.78
N LEU A 173 35.57 20.37 13.82
CA LEU A 173 35.32 19.68 15.09
C LEU A 173 36.53 18.87 15.57
N PRO A 174 36.63 18.64 16.89
CA PRO A 174 37.62 17.73 17.46
C PRO A 174 37.37 16.30 16.99
N GLY A 175 38.40 15.65 16.48
CA GLY A 175 38.25 14.36 15.84
C GLY A 175 37.99 14.37 14.33
N PHE A 176 37.83 15.56 13.75
CA PHE A 176 37.41 15.72 12.34
C PHE A 176 38.42 16.41 11.41
N SER A 177 39.65 16.64 11.86
CA SER A 177 40.62 17.36 11.02
C SER A 177 41.05 16.55 9.79
N TRP A 178 40.90 15.22 9.88
CA TRP A 178 41.29 14.32 8.80
C TRP A 178 40.37 14.34 7.56
N ILE A 179 39.12 14.79 7.71
CA ILE A 179 38.12 14.77 6.64
C ILE A 179 38.25 15.90 5.61
N LYS A 180 38.49 15.52 4.35
CA LYS A 180 38.38 16.41 3.20
C LYS A 180 36.95 16.21 2.64
N PRO A 181 36.21 17.30 2.36
CA PRO A 181 34.95 17.12 1.63
C PRO A 181 35.22 16.49 0.28
N CYS A 182 34.41 15.50 -0.10
CA CYS A 182 34.71 14.67 -1.27
C CYS A 182 33.60 14.53 -2.32
N ILE A 183 32.43 15.12 -2.09
CA ILE A 183 31.37 15.07 -3.09
C ILE A 183 30.80 16.47 -3.34
N SER A 184 30.50 16.79 -4.60
CA SER A 184 29.84 18.04 -4.90
C SER A 184 28.34 17.86 -4.77
N SER A 185 27.66 18.98 -4.54
CA SER A 185 26.22 18.97 -4.33
C SER A 185 25.49 18.31 -5.49
N ALA A 186 26.10 18.32 -6.67
CA ALA A 186 25.52 17.65 -7.83
C ALA A 186 25.72 16.12 -7.85
N SER A 187 26.51 15.58 -6.91
CA SER A 187 26.85 14.16 -6.95
C SER A 187 26.12 13.34 -5.89
N ILE A 188 25.13 13.94 -5.24
CA ILE A 188 24.29 13.23 -4.27
C ILE A 188 22.80 13.47 -4.55
N VAL A 189 22.02 12.39 -4.59
CA VAL A 189 20.60 12.50 -4.75
C VAL A 189 19.95 11.75 -3.59
N TYR A 190 18.97 12.38 -2.92
CA TYR A 190 18.18 11.76 -1.82
C TYR A 190 16.91 11.11 -2.34
N ILE A 191 16.46 10.04 -1.67
CA ILE A 191 15.20 9.44 -2.05
C ILE A 191 14.55 9.07 -0.72
N GLY A 192 13.32 9.51 -0.51
CA GLY A 192 12.53 9.02 0.65
C GLY A 192 12.20 10.08 1.67
N LEU A 193 12.69 11.29 1.44
CA LEU A 193 12.67 12.36 2.46
C LEU A 193 11.28 12.68 2.92
N ARG A 194 11.09 12.77 4.23
CA ARG A 194 9.80 13.18 4.82
C ARG A 194 9.89 13.87 6.20
N ASP A 195 11.10 14.03 6.74
CA ASP A 195 11.28 14.62 8.08
C ASP A 195 12.55 15.50 7.95
N VAL A 196 12.35 16.69 7.37
CA VAL A 196 13.43 17.58 7.03
C VAL A 196 13.34 18.80 7.96
N ASP A 197 14.44 19.09 8.68
CA ASP A 197 14.51 20.31 9.51
C ASP A 197 14.51 21.57 8.62
N PRO A 198 13.93 22.70 9.10
CA PRO A 198 14.01 23.91 8.23
C PRO A 198 15.41 24.30 7.73
N PRO A 199 16.45 24.31 8.60
CA PRO A 199 17.76 24.65 8.01
C PRO A 199 18.23 23.63 6.95
N GLU A 200 17.81 22.36 7.08
CA GLU A 200 18.08 21.35 6.04
C GLU A 200 17.36 21.67 4.73
N HIS A 201 16.09 22.06 4.83
CA HIS A 201 15.35 22.49 3.64
C HIS A 201 16.09 23.62 2.93
N PHE A 202 16.52 24.61 3.71
CA PHE A 202 17.28 25.75 3.15
C PHE A 202 18.54 25.31 2.38
N ILE A 203 19.33 24.44 2.99
CA ILE A 203 20.54 23.90 2.34
C ILE A 203 20.19 23.21 1.04
N LEU A 204 19.20 22.31 1.10
CA LEU A 204 18.81 21.55 -0.09
C LEU A 204 18.47 22.53 -1.23
N LYS A 205 17.61 23.49 -0.95
CA LYS A 205 17.19 24.40 -2.04
C LYS A 205 18.33 25.31 -2.49
N ASN A 206 18.99 25.91 -1.52
CA ASN A 206 20.07 26.87 -1.79
C ASN A 206 21.31 26.31 -2.46
N TYR A 207 21.65 25.05 -2.19
CA TYR A 207 22.75 24.43 -2.91
C TYR A 207 22.30 23.56 -4.05
N ASP A 208 21.01 23.65 -4.37
CA ASP A 208 20.43 22.93 -5.50
C ASP A 208 20.66 21.42 -5.42
N ILE A 209 20.56 20.87 -4.22
CA ILE A 209 20.73 19.43 -4.07
C ILE A 209 19.43 18.74 -4.48
N GLN A 210 19.52 17.73 -5.35
CA GLN A 210 18.33 17.13 -5.93
C GLN A 210 17.80 16.06 -4.99
N TYR A 211 16.51 16.08 -4.74
CA TYR A 211 15.91 15.06 -3.91
C TYR A 211 14.53 14.64 -4.42
N PHE A 212 14.19 13.38 -4.14
CA PHE A 212 12.87 12.86 -4.34
C PHE A 212 12.28 12.54 -2.97
N SER A 213 11.48 13.48 -2.45
CA SER A 213 10.77 13.31 -1.18
C SER A 213 9.68 12.24 -1.36
N MET A 214 9.06 11.78 -0.26
CA MET A 214 7.94 10.85 -0.43
C MET A 214 6.89 11.47 -1.36
N ARG A 215 6.71 12.78 -1.24
CA ARG A 215 5.76 13.47 -2.11
C ARG A 215 6.13 13.32 -3.58
N ASP A 216 7.43 13.43 -3.87
CA ASP A 216 7.89 13.23 -5.23
C ASP A 216 7.62 11.81 -5.74
N ILE A 217 7.78 10.81 -4.87
CA ILE A 217 7.50 9.42 -5.21
C ILE A 217 5.99 9.25 -5.44
N ASP A 218 5.16 9.88 -4.60
CA ASP A 218 3.68 9.83 -4.75
C ASP A 218 3.25 10.31 -6.14
N ARG A 219 3.95 11.33 -6.62
CA ARG A 219 3.67 11.92 -7.95
C ARG A 219 4.27 11.12 -9.12
N LEU A 220 5.57 10.85 -9.06
CA LEU A 220 6.26 10.22 -10.18
C LEU A 220 6.13 8.70 -10.23
N GLY A 221 6.08 8.06 -9.07
CA GLY A 221 6.23 6.62 -9.02
C GLY A 221 7.69 6.27 -8.92
N ILE A 222 7.99 5.16 -8.24
CA ILE A 222 9.37 4.75 -8.00
C ILE A 222 10.18 4.46 -9.29
N GLN A 223 9.53 3.95 -10.35
CA GLN A 223 10.24 3.71 -11.60
C GLN A 223 10.83 5.02 -12.12
N LYS A 224 10.03 6.07 -12.23
CA LYS A 224 10.54 7.35 -12.79
C LYS A 224 11.54 8.03 -11.83
N VAL A 225 11.37 7.81 -10.53
CA VAL A 225 12.32 8.34 -9.54
C VAL A 225 13.72 7.74 -9.75
N MET A 226 13.79 6.42 -9.97
CA MET A 226 15.09 5.78 -10.19
C MET A 226 15.69 6.24 -11.53
N GLU A 227 14.84 6.29 -12.58
CA GLU A 227 15.30 6.77 -13.91
C GLU A 227 15.90 8.16 -13.78
N ARG A 228 15.17 9.07 -13.14
CA ARG A 228 15.66 10.45 -13.00
C ARG A 228 16.88 10.56 -12.11
N THR A 229 16.93 9.73 -11.06
CA THR A 229 18.10 9.67 -10.21
C THR A 229 19.37 9.33 -10.99
N PHE A 230 19.27 8.31 -11.82
CA PHE A 230 20.43 7.85 -12.57
C PHE A 230 20.77 8.86 -13.66
N ASP A 231 19.75 9.47 -14.26
CA ASP A 231 19.99 10.54 -15.27
C ASP A 231 20.80 11.65 -14.61
N LEU A 232 20.51 11.97 -13.35
CA LEU A 232 21.21 13.04 -12.65
C LEU A 232 22.64 12.65 -12.33
N LEU A 233 22.84 11.40 -11.89
CA LEU A 233 24.14 10.98 -11.36
C LEU A 233 25.07 10.26 -12.35
N ILE A 234 24.52 9.33 -13.13
CA ILE A 234 25.33 8.55 -14.09
C ILE A 234 24.87 8.77 -15.55
N GLY A 235 24.13 9.85 -15.79
CA GLY A 235 23.64 10.16 -17.13
C GLY A 235 24.76 10.53 -18.11
N LYS A 236 25.81 11.16 -17.59
CA LYS A 236 26.95 11.66 -18.41
C LYS A 236 28.05 10.63 -18.58
N ARG A 237 28.29 9.86 -17.52
CA ARG A 237 29.36 8.91 -17.50
C ARG A 237 29.11 7.89 -16.39
N GLN A 238 29.61 6.69 -16.62
CA GLN A 238 29.60 5.64 -15.63
C GLN A 238 30.45 6.12 -14.48
N ARG A 239 29.93 5.95 -13.27
CA ARG A 239 30.59 6.36 -12.04
C ARG A 239 30.28 5.32 -10.97
N PRO A 240 31.23 5.08 -10.04
CA PRO A 240 31.01 4.20 -8.88
C PRO A 240 29.85 4.72 -8.03
N ILE A 241 28.93 3.83 -7.66
CA ILE A 241 27.79 4.24 -6.87
C ILE A 241 27.99 3.90 -5.38
N HIS A 242 27.76 4.89 -4.54
CA HIS A 242 27.67 4.65 -3.12
C HIS A 242 26.21 4.71 -2.65
N LEU A 243 25.65 3.58 -2.22
CA LEU A 243 24.28 3.55 -1.75
C LEU A 243 24.25 3.68 -0.25
N SER A 244 23.83 4.81 0.29
CA SER A 244 23.73 4.89 1.76
C SER A 244 22.27 4.74 2.09
N PHE A 245 21.91 3.64 2.77
CA PHE A 245 20.52 3.25 2.90
C PHE A 245 20.15 3.13 4.40
N ASP A 246 19.34 4.07 4.87
CA ASP A 246 18.85 4.12 6.24
C ASP A 246 17.57 3.32 6.24
N ILE A 247 17.50 2.33 7.11
CA ILE A 247 16.30 1.49 7.19
C ILE A 247 15.04 2.32 7.45
N ASP A 248 15.19 3.49 8.08
CA ASP A 248 14.02 4.33 8.40
C ASP A 248 13.40 5.02 7.15
N ALA A 249 14.02 4.82 5.99
CA ALA A 249 13.38 5.24 4.74
C ALA A 249 12.07 4.42 4.57
N PHE A 250 12.04 3.17 5.07
CA PHE A 250 10.82 2.34 4.97
C PHE A 250 9.76 2.82 5.97
N ASP A 251 8.48 2.61 5.64
CA ASP A 251 7.41 2.86 6.60
C ASP A 251 7.69 2.12 7.92
N PRO A 252 7.42 2.77 9.05
CA PRO A 252 7.66 2.14 10.36
C PRO A 252 6.88 0.87 10.59
N THR A 253 5.76 0.65 9.88
CA THR A 253 5.04 -0.63 9.94
C THR A 253 5.92 -1.78 9.41
N LEU A 254 6.84 -1.46 8.49
CA LEU A 254 7.76 -2.46 7.92
C LEU A 254 9.11 -2.55 8.61
N ALA A 255 9.61 -1.40 9.05
CA ALA A 255 10.89 -1.32 9.72
C ALA A 255 10.69 -0.61 11.03
N PRO A 256 10.04 -1.28 11.99
CA PRO A 256 9.78 -0.57 13.25
C PRO A 256 11.05 -0.41 14.12
N ALA A 257 12.02 -1.31 13.96
CA ALA A 257 13.23 -1.33 14.80
C ALA A 257 14.30 -0.35 14.41
N THR A 258 14.04 0.93 14.71
CA THR A 258 14.94 2.01 14.29
C THR A 258 14.64 3.21 15.17
N GLY A 259 15.61 4.10 15.32
CA GLY A 259 15.53 5.18 16.33
C GLY A 259 14.66 6.39 16.01
N THR A 260 14.58 6.78 14.74
CA THR A 260 13.78 7.95 14.38
C THR A 260 12.75 7.59 13.29
N PRO A 261 11.73 6.80 13.65
CA PRO A 261 10.77 6.31 12.66
C PRO A 261 9.81 7.41 12.27
N VAL A 262 9.43 7.48 10.99
CA VAL A 262 8.53 8.53 10.51
C VAL A 262 7.47 7.93 9.63
N VAL A 263 6.20 8.18 9.97
CA VAL A 263 5.09 7.54 9.27
C VAL A 263 5.12 7.94 7.79
N GLY A 264 4.59 7.09 6.93
CA GLY A 264 4.37 7.44 5.52
C GLY A 264 5.60 7.20 4.67
N GLY A 265 6.27 6.07 4.90
CA GLY A 265 7.50 5.78 4.17
C GLY A 265 7.41 4.86 2.97
N LEU A 266 8.58 4.43 2.49
CA LEU A 266 8.65 3.50 1.35
C LEU A 266 7.91 2.23 1.68
N THR A 267 7.22 1.66 0.70
CA THR A 267 6.73 0.26 0.84
C THR A 267 7.87 -0.74 0.66
N TYR A 268 7.65 -2.00 1.02
CA TYR A 268 8.61 -3.08 0.72
C TYR A 268 8.98 -3.08 -0.77
N ARG A 269 7.94 -3.00 -1.61
CA ARG A 269 8.15 -3.12 -3.06
C ARG A 269 8.95 -1.95 -3.55
N GLU A 270 8.69 -0.74 -3.05
CA GLU A 270 9.50 0.43 -3.49
C GLU A 270 10.96 0.28 -3.08
N GLY A 271 11.21 -0.14 -1.84
CA GLY A 271 12.57 -0.35 -1.38
C GLY A 271 13.32 -1.40 -2.21
N MET A 272 12.64 -2.49 -2.56
CA MET A 272 13.30 -3.56 -3.32
C MET A 272 13.56 -3.02 -4.71
N TYR A 273 12.63 -2.20 -5.20
CA TYR A 273 12.77 -1.63 -6.55
C TYR A 273 14.02 -0.72 -6.64
N ILE A 274 14.21 0.11 -5.62
CA ILE A 274 15.41 0.93 -5.56
C ILE A 274 16.68 0.08 -5.66
N ALA A 275 16.75 -0.97 -4.84
CA ALA A 275 17.91 -1.83 -4.80
C ALA A 275 18.13 -2.58 -6.09
N GLU A 276 17.05 -3.08 -6.71
CA GLU A 276 17.15 -3.82 -7.99
C GLU A 276 17.73 -2.90 -9.08
N GLU A 277 17.28 -1.68 -9.11
CA GLU A 277 17.74 -0.74 -10.14
C GLU A 277 19.19 -0.37 -9.90
N ILE A 278 19.57 -0.23 -8.63
CA ILE A 278 20.98 -0.02 -8.26
C ILE A 278 21.81 -1.20 -8.78
N HIS A 279 21.37 -2.42 -8.50
CA HIS A 279 22.07 -3.59 -9.03
C HIS A 279 22.17 -3.57 -10.56
N ASN A 280 21.09 -3.22 -11.25
CA ASN A 280 21.04 -3.28 -12.72
C ASN A 280 22.02 -2.32 -13.39
N THR A 281 22.48 -1.28 -12.68
CA THR A 281 23.52 -0.37 -13.22
C THR A 281 24.88 -1.05 -13.41
N GLY A 282 25.14 -2.11 -12.65
CA GLY A 282 26.44 -2.74 -12.50
C GLY A 282 27.47 -1.82 -11.88
N LEU A 283 27.03 -0.72 -11.28
CA LEU A 283 27.97 0.29 -10.82
C LEU A 283 28.11 0.37 -9.29
N LEU A 284 27.33 -0.44 -8.55
CA LEU A 284 27.39 -0.33 -7.10
C LEU A 284 28.78 -0.64 -6.55
N SER A 285 29.35 0.28 -5.78
CA SER A 285 30.73 0.17 -5.32
C SER A 285 30.85 0.11 -3.78
N ALA A 286 29.92 0.73 -3.05
CA ALA A 286 29.78 0.58 -1.60
C ALA A 286 28.35 0.84 -1.19
N LEU A 287 27.92 0.20 -0.09
CA LEU A 287 26.54 0.31 0.36
C LEU A 287 26.64 0.36 1.88
N ASP A 288 25.92 1.30 2.49
CA ASP A 288 25.73 1.34 3.96
C ASP A 288 24.32 0.88 4.23
N LEU A 289 24.13 0.08 5.27
CA LEU A 289 22.80 -0.29 5.72
C LEU A 289 22.74 0.05 7.22
N VAL A 290 22.12 1.18 7.53
CA VAL A 290 22.23 1.82 8.85
C VAL A 290 20.90 1.91 9.60
N GLU A 291 21.02 2.15 10.91
CA GLU A 291 19.93 2.53 11.83
C GLU A 291 19.01 1.40 12.28
N VAL A 292 19.38 0.16 11.98
CA VAL A 292 18.68 -0.97 12.54
C VAL A 292 19.03 -1.03 14.05
N ASN A 293 17.99 -0.92 14.87
CA ASN A 293 18.15 -0.95 16.36
C ASN A 293 17.18 -1.98 16.89
N PRO A 294 17.63 -3.25 17.07
CA PRO A 294 16.68 -4.29 17.47
C PRO A 294 16.04 -4.03 18.82
N GLN A 295 16.70 -3.24 19.66
CA GLN A 295 16.18 -2.96 21.00
C GLN A 295 14.89 -2.10 20.98
N LEU A 296 14.64 -1.39 19.88
CA LEU A 296 13.50 -0.51 19.79
C LEU A 296 12.29 -1.20 19.22
N ALA A 297 12.45 -2.48 18.88
CA ALA A 297 11.30 -3.30 18.52
C ALA A 297 10.50 -3.53 19.81
N THR A 298 9.20 -3.78 19.65
CA THR A 298 8.34 -4.13 20.78
C THR A 298 8.20 -5.65 20.87
N SER A 299 8.64 -6.36 19.83
CA SER A 299 8.57 -7.82 19.74
C SER A 299 9.71 -8.41 18.89
N GLU A 300 10.03 -9.67 19.12
CA GLU A 300 11.00 -10.37 18.28
C GLU A 300 10.66 -10.35 16.79
N GLU A 301 9.37 -10.49 16.47
CA GLU A 301 8.98 -10.42 15.06
C GLU A 301 9.19 -9.02 14.43
N GLU A 302 8.99 -7.95 15.21
CA GLU A 302 9.31 -6.59 14.77
C GLU A 302 10.80 -6.41 14.52
N ALA A 303 11.62 -6.94 15.45
CA ALA A 303 13.08 -6.92 15.32
C ALA A 303 13.56 -7.76 14.13
N LYS A 304 13.04 -8.98 14.01
CA LYS A 304 13.49 -9.85 12.93
C LYS A 304 13.02 -9.36 11.57
N THR A 305 11.82 -8.77 11.52
CA THR A 305 11.28 -8.28 10.24
C THR A 305 12.20 -7.15 9.74
N THR A 306 12.59 -6.28 10.67
CA THR A 306 13.49 -5.18 10.34
C THR A 306 14.84 -5.69 9.86
N ALA A 307 15.45 -6.61 10.61
CA ALA A 307 16.67 -7.27 10.14
C ALA A 307 16.50 -8.03 8.83
N ASN A 308 15.39 -8.71 8.63
CA ASN A 308 15.18 -9.48 7.37
C ASN A 308 15.09 -8.51 6.17
N LEU A 309 14.51 -7.35 6.44
CA LEU A 309 14.26 -6.36 5.41
C LEU A 309 15.62 -5.77 5.03
N ALA A 310 16.45 -5.53 6.05
CA ALA A 310 17.84 -5.10 5.86
C ALA A 310 18.59 -6.09 4.96
N VAL A 311 18.44 -7.38 5.24
CA VAL A 311 19.06 -8.40 4.37
C VAL A 311 18.49 -8.34 2.94
N ASP A 312 17.17 -8.15 2.80
CA ASP A 312 16.54 -8.10 1.46
C ASP A 312 17.10 -6.93 0.65
N VAL A 313 17.30 -5.78 1.32
CA VAL A 313 17.87 -4.62 0.65
C VAL A 313 19.27 -4.97 0.09
N ILE A 314 20.11 -5.55 0.95
CA ILE A 314 21.50 -5.81 0.60
C ILE A 314 21.55 -6.87 -0.49
N ALA A 315 20.80 -7.94 -0.29
CA ALA A 315 20.66 -9.00 -1.30
C ALA A 315 20.22 -8.46 -2.65
N SER A 316 19.19 -7.59 -2.66
CA SER A 316 18.64 -7.06 -3.89
C SER A 316 19.62 -6.13 -4.59
N SER A 317 20.50 -5.52 -3.81
CA SER A 317 21.55 -4.69 -4.37
C SER A 317 22.61 -5.52 -5.11
N PHE A 318 22.61 -6.84 -4.86
CA PHE A 318 23.59 -7.76 -5.46
C PHE A 318 22.99 -8.90 -6.28
N GLY A 319 21.77 -8.65 -6.76
CA GLY A 319 21.12 -9.48 -7.77
C GLY A 319 19.86 -10.21 -7.38
N GLN A 320 19.49 -10.23 -6.11
CA GLN A 320 18.22 -10.85 -5.75
C GLN A 320 17.09 -10.02 -6.42
N THR A 321 16.17 -10.70 -7.07
CA THR A 321 15.00 -10.05 -7.68
C THR A 321 13.71 -10.80 -7.35
N ARG A 322 12.59 -10.18 -7.68
CA ARG A 322 11.27 -10.76 -7.45
C ARG A 322 11.01 -11.91 -8.44
N GLU A 323 11.63 -11.87 -9.60
CA GLU A 323 11.39 -12.80 -10.72
C GLU A 323 12.26 -14.09 -10.77
N GLY A 324 13.28 -14.17 -9.92
CA GLY A 324 14.10 -15.39 -9.83
C GLY A 324 15.05 -15.69 -10.99
N GLY A 325 15.56 -14.65 -11.65
CA GLY A 325 16.52 -14.86 -12.74
C GLY A 325 18.00 -14.77 -12.38
N HIS A 326 18.32 -14.58 -11.10
CA HIS A 326 19.73 -14.39 -10.77
CA HIS A 326 19.70 -14.40 -10.64
C HIS A 326 20.53 -15.68 -10.76
N ILE A 327 19.94 -16.77 -10.28
CA ILE A 327 20.50 -18.08 -10.45
C ILE A 327 20.16 -18.59 -11.84
N VAL A 328 21.19 -19.00 -12.58
CA VAL A 328 21.05 -19.49 -13.95
C VAL A 328 20.80 -21.00 -13.95
N TYR A 329 19.76 -21.39 -14.66
CA TYR A 329 19.39 -22.79 -14.73
C TYR A 329 19.71 -23.23 -16.14
N ASP A 330 20.26 -24.43 -16.23
CA ASP A 330 20.93 -24.93 -17.42
C ASP A 330 20.00 -25.63 -18.42
N GLN A 331 19.43 -26.76 -17.97
CA GLN A 331 18.51 -27.57 -18.76
C GLN A 331 17.58 -28.33 -17.82
N LEU A 332 16.37 -28.58 -18.30
CA LEU A 332 15.41 -29.39 -17.58
C LEU A 332 15.78 -30.87 -17.68
N PRO A 333 15.61 -31.61 -16.58
CA PRO A 333 15.77 -33.06 -16.67
C PRO A 333 14.69 -33.63 -17.59
N THR A 334 14.95 -34.79 -18.15
CA THR A 334 13.93 -35.52 -18.92
C THR A 334 13.67 -36.86 -18.22
N PRO A 335 12.46 -37.43 -18.39
CA PRO A 335 12.19 -38.71 -17.72
C PRO A 335 13.01 -39.87 -18.28
N VAL B 18 -26.50 -10.77 -15.08
CA VAL B 18 -27.06 -11.90 -14.25
C VAL B 18 -26.23 -13.16 -14.50
N HIS B 19 -25.39 -13.48 -13.53
CA HIS B 19 -24.47 -14.58 -13.70
C HIS B 19 -25.07 -15.81 -13.04
N SER B 20 -24.96 -16.95 -13.72
CA SER B 20 -25.25 -18.23 -13.06
C SER B 20 -23.94 -18.78 -12.53
N VAL B 21 -23.86 -18.94 -11.21
CA VAL B 21 -22.61 -19.30 -10.57
C VAL B 21 -22.77 -20.59 -9.75
N ALA B 22 -21.92 -21.57 -10.06
CA ALA B 22 -21.84 -22.81 -9.30
C ALA B 22 -20.65 -22.75 -8.35
N VAL B 23 -20.88 -23.14 -7.10
CA VAL B 23 -19.82 -23.14 -6.10
C VAL B 23 -19.51 -24.61 -5.69
N ILE B 24 -18.26 -24.99 -5.86
CA ILE B 24 -17.77 -26.34 -5.55
C ILE B 24 -16.73 -26.23 -4.43
N GLY B 25 -16.98 -26.86 -3.28
CA GLY B 25 -15.93 -26.95 -2.26
C GLY B 25 -15.01 -28.11 -2.60
N ALA B 26 -13.74 -27.83 -2.85
CA ALA B 26 -12.75 -28.87 -3.13
C ALA B 26 -11.67 -28.93 -2.03
N PRO B 27 -11.94 -29.65 -0.92
CA PRO B 27 -11.03 -29.66 0.23
C PRO B 27 -9.73 -30.43 -0.01
N PHE B 28 -8.96 -30.04 -1.02
CA PHE B 28 -7.61 -30.58 -1.25
C PHE B 28 -6.62 -30.15 -0.17
N SER B 29 -5.88 -31.11 0.39
CA SER B 29 -4.76 -30.73 1.25
C SER B 29 -3.48 -31.46 0.89
N GLN B 30 -3.60 -32.52 0.09
CA GLN B 30 -2.49 -33.43 -0.14
C GLN B 30 -1.54 -32.98 -1.27
N GLY B 31 -1.80 -31.79 -1.82
CA GLY B 31 -0.86 -31.16 -2.75
C GLY B 31 0.28 -30.48 -2.03
N GLN B 32 0.22 -30.44 -0.70
CA GLN B 32 1.25 -29.84 0.17
C GLN B 32 1.24 -30.51 1.54
N LYS B 33 2.07 -30.03 2.46
CA LYS B 33 2.30 -30.72 3.75
C LYS B 33 1.64 -30.11 4.97
N ARG B 34 1.07 -28.92 4.81
CA ARG B 34 0.49 -28.22 5.97
C ARG B 34 -1.02 -28.47 6.12
N LYS B 35 -1.37 -29.12 7.22
CA LYS B 35 -2.77 -29.40 7.51
C LYS B 35 -3.59 -28.12 7.71
N GLY B 36 -4.87 -28.20 7.35
CA GLY B 36 -5.82 -27.12 7.62
C GLY B 36 -6.45 -26.55 6.37
N VAL B 37 -5.69 -26.61 5.26
CA VAL B 37 -6.13 -26.00 3.99
C VAL B 37 -7.42 -26.63 3.46
N GLU B 38 -7.79 -27.81 4.00
CA GLU B 38 -9.01 -28.50 3.56
C GLU B 38 -10.24 -27.82 4.14
N HIS B 39 -10.01 -26.99 5.15
CA HIS B 39 -11.09 -26.24 5.79
C HIS B 39 -11.26 -24.83 5.14
N GLY B 40 -10.44 -24.56 4.12
CA GLY B 40 -10.58 -23.35 3.33
C GLY B 40 -11.97 -23.15 2.74
N PRO B 41 -12.56 -24.19 2.09
CA PRO B 41 -13.87 -23.94 1.50
C PRO B 41 -14.94 -23.56 2.52
N ALA B 42 -14.90 -24.14 3.72
CA ALA B 42 -15.82 -23.80 4.82
C ALA B 42 -15.62 -22.39 5.40
N ALA B 43 -14.35 -22.00 5.57
CA ALA B 43 -14.00 -20.64 6.04
C ALA B 43 -14.58 -19.55 5.12
N ILE B 44 -14.53 -19.81 3.82
CA ILE B 44 -15.01 -18.85 2.82
C ILE B 44 -16.55 -18.77 2.90
N ARG B 45 -17.21 -19.94 2.95
CA ARG B 45 -18.66 -20.03 3.14
C ARG B 45 -19.07 -19.29 4.39
N GLU B 46 -18.36 -19.51 5.48
CA GLU B 46 -18.71 -18.86 6.74
C GLU B 46 -18.59 -17.34 6.66
N ALA B 47 -17.58 -16.86 5.94
CA ALA B 47 -17.37 -15.44 5.66
C ALA B 47 -18.50 -14.82 4.82
N GLY B 48 -19.48 -15.63 4.45
CA GLY B 48 -20.74 -15.13 3.89
C GLY B 48 -20.78 -15.09 2.37
N LEU B 49 -20.00 -15.96 1.72
CA LEU B 49 -19.91 -15.99 0.25
C LEU B 49 -21.26 -16.02 -0.46
N MET B 50 -22.15 -16.92 -0.06
CA MET B 50 -23.43 -17.09 -0.78
C MET B 50 -24.35 -15.87 -0.67
N LYS B 51 -24.53 -15.34 0.55
CA LYS B 51 -25.24 -14.06 0.76
C LYS B 51 -24.69 -12.95 -0.18
N ARG B 52 -23.37 -12.81 -0.25
CA ARG B 52 -22.74 -11.80 -1.13
C ARG B 52 -23.08 -12.02 -2.61
N LEU B 53 -22.89 -13.25 -3.10
CA LEU B 53 -23.18 -13.50 -4.49
C LEU B 53 -24.69 -13.38 -4.80
N SER B 54 -25.54 -13.68 -3.80
CA SER B 54 -27.00 -13.50 -3.92
C SER B 54 -27.37 -12.03 -3.98
N SER B 55 -26.68 -11.19 -3.21
CA SER B 55 -27.01 -9.79 -3.26
C SER B 55 -26.62 -9.21 -4.65
N LEU B 56 -25.76 -9.92 -5.37
CA LEU B 56 -25.30 -9.49 -6.70
C LEU B 56 -26.20 -9.94 -7.81
N GLY B 57 -27.32 -10.57 -7.46
CA GLY B 57 -28.25 -11.06 -8.47
C GLY B 57 -27.80 -12.29 -9.25
N CYS B 58 -26.80 -13.01 -8.73
CA CYS B 58 -26.37 -14.28 -9.32
C CYS B 58 -27.42 -15.39 -9.16
N HIS B 59 -27.57 -16.23 -10.18
CA HIS B 59 -28.31 -17.49 -10.01
C HIS B 59 -27.36 -18.55 -9.44
N LEU B 60 -27.62 -19.00 -8.22
CA LEU B 60 -26.66 -19.83 -7.51
C LEU B 60 -26.97 -21.33 -7.43
N LYS B 61 -25.94 -22.15 -7.67
CA LYS B 61 -25.99 -23.55 -7.24
C LYS B 61 -24.76 -23.86 -6.39
N ASP B 62 -24.99 -24.42 -5.21
CA ASP B 62 -23.93 -24.84 -4.34
C ASP B 62 -23.85 -26.36 -4.36
N PHE B 63 -22.74 -26.89 -4.88
CA PHE B 63 -22.56 -28.33 -4.96
C PHE B 63 -22.14 -28.91 -3.61
N GLY B 64 -22.01 -28.05 -2.60
CA GLY B 64 -21.44 -28.44 -1.30
C GLY B 64 -19.96 -28.79 -1.41
N ASP B 65 -19.39 -29.38 -0.34
CA ASP B 65 -17.98 -29.81 -0.39
C ASP B 65 -17.85 -31.26 -0.89
N LEU B 66 -17.10 -31.44 -1.96
CA LEU B 66 -16.87 -32.77 -2.50
C LEU B 66 -16.15 -33.71 -1.52
N SER B 67 -16.65 -34.94 -1.45
CA SER B 67 -15.96 -35.98 -0.70
C SER B 67 -15.23 -36.84 -1.72
N PHE B 68 -13.90 -36.73 -1.76
CA PHE B 68 -13.10 -37.53 -2.68
C PHE B 68 -12.81 -38.92 -2.09
N THR B 69 -12.60 -39.88 -2.97
CA THR B 69 -12.32 -41.26 -2.57
C THR B 69 -10.88 -41.38 -2.04
N PRO B 70 -10.72 -41.77 -0.75
CA PRO B 70 -9.37 -41.86 -0.20
C PRO B 70 -8.55 -42.98 -0.83
N VAL B 71 -7.22 -42.87 -0.70
CA VAL B 71 -6.26 -43.82 -1.27
C VAL B 71 -5.16 -44.05 -0.24
N ASP B 75 2.11 -44.15 -1.40
CA ASP B 75 3.57 -44.29 -1.49
C ASP B 75 4.20 -43.18 -2.34
N LEU B 76 5.23 -42.55 -1.80
CA LEU B 76 5.97 -41.50 -2.50
C LEU B 76 6.37 -41.91 -3.92
N TYR B 77 6.57 -40.93 -4.78
CA TYR B 77 7.01 -41.18 -6.15
C TYR B 77 8.45 -40.69 -6.38
N ASN B 78 9.35 -41.62 -6.71
CA ASN B 78 10.80 -41.37 -6.78
C ASN B 78 11.34 -40.70 -5.51
N ASN B 79 10.85 -41.16 -4.37
CA ASN B 79 11.32 -40.69 -3.05
C ASN B 79 11.20 -39.18 -2.80
N LEU B 80 10.33 -38.52 -3.58
CA LEU B 80 10.17 -37.07 -3.58
C LEU B 80 8.67 -36.70 -3.54
N ILE B 81 7.95 -36.95 -4.65
CA ILE B 81 6.53 -36.53 -4.84
C ILE B 81 5.55 -37.25 -3.88
N VAL B 82 4.85 -36.48 -3.04
CA VAL B 82 4.04 -37.05 -1.94
C VAL B 82 2.51 -37.13 -2.27
N ASN B 83 1.90 -38.24 -1.82
CA ASN B 83 0.46 -38.55 -2.04
C ASN B 83 -0.03 -38.41 -3.47
N PRO B 84 0.82 -38.70 -4.48
CA PRO B 84 0.42 -38.27 -5.81
C PRO B 84 -0.87 -38.94 -6.29
N ARG B 85 -1.06 -40.21 -5.95
CA ARG B 85 -2.27 -40.92 -6.34
C ARG B 85 -3.53 -40.23 -5.89
N SER B 86 -3.59 -39.86 -4.61
CA SER B 86 -4.76 -39.20 -4.05
C SER B 86 -5.07 -37.90 -4.81
N VAL B 87 -4.01 -37.15 -5.10
CA VAL B 87 -4.09 -35.87 -5.81
C VAL B 87 -4.50 -36.04 -7.26
N GLY B 88 -3.89 -37.00 -7.95
CA GLY B 88 -4.23 -37.28 -9.34
C GLY B 88 -5.68 -37.69 -9.49
N LEU B 89 -6.15 -38.55 -8.58
CA LEU B 89 -7.50 -39.13 -8.62
C LEU B 89 -8.57 -38.11 -8.24
N ALA B 90 -8.39 -37.49 -7.07
CA ALA B 90 -9.28 -36.42 -6.64
C ALA B 90 -9.46 -35.36 -7.75
N ASN B 91 -8.40 -35.05 -8.48
CA ASN B 91 -8.49 -34.11 -9.57
C ASN B 91 -9.33 -34.64 -10.73
N GLN B 92 -9.24 -35.95 -10.98
CA GLN B 92 -10.08 -36.56 -12.02
C GLN B 92 -11.55 -36.44 -11.63
N GLU B 93 -11.85 -36.70 -10.37
CA GLU B 93 -13.20 -36.56 -9.84
C GLU B 93 -13.70 -35.10 -9.89
N LEU B 94 -12.81 -34.18 -9.53
CA LEU B 94 -13.13 -32.73 -9.54
C LEU B 94 -13.45 -32.27 -10.94
N ALA B 95 -12.62 -32.66 -11.89
CA ALA B 95 -12.77 -32.32 -13.29
C ALA B 95 -14.14 -32.74 -13.88
N GLU B 96 -14.67 -33.91 -13.50
CA GLU B 96 -16.03 -34.31 -13.94
C GLU B 96 -17.10 -33.39 -13.38
N VAL B 97 -16.98 -33.00 -12.11
CA VAL B 97 -17.96 -32.09 -11.52
C VAL B 97 -17.95 -30.70 -12.20
N VAL B 98 -16.74 -30.19 -12.44
CA VAL B 98 -16.55 -28.92 -13.16
C VAL B 98 -17.09 -29.05 -14.57
N SER B 99 -16.75 -30.15 -15.25
CA SER B 99 -17.26 -30.37 -16.61
C SER B 99 -18.80 -30.30 -16.65
N ARG B 100 -19.45 -31.00 -15.73
CA ARG B 100 -20.91 -31.00 -15.70
C ARG B 100 -21.52 -29.67 -15.24
N ALA B 101 -20.84 -28.95 -14.35
CA ALA B 101 -21.31 -27.60 -13.94
C ALA B 101 -21.27 -26.64 -15.11
N VAL B 102 -20.15 -26.67 -15.84
CA VAL B 102 -19.96 -25.82 -17.01
C VAL B 102 -21.05 -26.14 -17.98
N SER B 103 -21.20 -27.44 -18.25
CA SER B 103 -22.27 -27.99 -19.06
C SER B 103 -23.71 -27.55 -18.69
N ASP B 104 -24.01 -27.46 -17.40
CA ASP B 104 -25.35 -27.08 -16.92
C ASP B 104 -25.56 -25.56 -17.05
N GLY B 105 -24.62 -24.90 -17.73
CA GLY B 105 -24.62 -23.43 -17.90
C GLY B 105 -24.14 -22.58 -16.72
N TYR B 106 -23.37 -23.17 -15.80
CA TYR B 106 -22.86 -22.39 -14.67
C TYR B 106 -21.40 -21.92 -14.82
N SER B 107 -21.13 -20.70 -14.37
CA SER B 107 -19.74 -20.25 -14.14
C SER B 107 -19.28 -20.97 -12.93
N CYS B 108 -18.12 -21.62 -13.04
CA CYS B 108 -17.71 -22.54 -12.00
C CYS B 108 -16.69 -21.96 -11.01
N VAL B 109 -17.12 -21.73 -9.77
CA VAL B 109 -16.28 -21.29 -8.68
C VAL B 109 -15.89 -22.50 -7.83
N THR B 110 -14.60 -22.80 -7.80
CA THR B 110 -14.06 -23.86 -6.96
C THR B 110 -13.26 -23.27 -5.79
N LEU B 111 -13.70 -23.58 -4.59
CA LEU B 111 -13.06 -23.17 -3.36
C LEU B 111 -12.05 -24.24 -2.96
N GLY B 112 -10.87 -23.78 -2.54
CA GLY B 112 -9.76 -24.64 -2.17
C GLY B 112 -9.53 -24.55 -0.68
N GLY B 113 -8.69 -25.43 -0.13
CA GLY B 113 -7.93 -26.41 -0.92
C GLY B 113 -6.64 -25.85 -1.52
N ASP B 114 -5.65 -26.72 -1.71
CA ASP B 114 -4.37 -26.27 -2.24
C ASP B 114 -4.43 -26.18 -3.74
N HIS B 115 -3.41 -25.57 -4.33
CA HIS B 115 -3.51 -25.18 -5.74
C HIS B 115 -3.38 -26.34 -6.73
N SER B 116 -3.07 -27.54 -6.23
CA SER B 116 -3.01 -28.70 -7.11
C SER B 116 -4.40 -28.95 -7.68
N LEU B 117 -5.43 -28.48 -6.98
CA LEU B 117 -6.81 -28.57 -7.51
C LEU B 117 -7.03 -27.93 -8.89
N ALA B 118 -6.11 -27.05 -9.32
CA ALA B 118 -6.23 -26.42 -10.66
C ALA B 118 -6.04 -27.43 -11.76
N ILE B 119 -5.39 -28.54 -11.44
CA ILE B 119 -5.25 -29.56 -12.44
C ILE B 119 -6.64 -30.00 -12.84
N GLY B 120 -7.49 -30.30 -11.86
CA GLY B 120 -8.86 -30.77 -12.08
C GLY B 120 -9.79 -29.70 -12.65
N THR B 121 -9.72 -28.49 -12.10
CA THR B 121 -10.65 -27.42 -12.54
C THR B 121 -10.36 -27.01 -13.99
N ILE B 122 -9.10 -26.78 -14.33
CA ILE B 122 -8.74 -26.39 -15.72
C ILE B 122 -9.05 -27.51 -16.72
N SER B 123 -8.63 -28.74 -16.37
CA SER B 123 -8.96 -29.94 -17.16
C SER B 123 -10.44 -30.07 -17.43
N GLY B 124 -11.28 -30.01 -16.40
CA GLY B 124 -12.73 -30.12 -16.54
C GLY B 124 -13.36 -29.01 -17.35
N HIS B 125 -12.79 -27.81 -17.22
CA HIS B 125 -13.26 -26.64 -17.91
C HIS B 125 -12.87 -26.69 -19.40
N ALA B 126 -11.67 -27.18 -19.68
CA ALA B 126 -11.17 -27.28 -21.06
C ALA B 126 -11.90 -28.32 -21.94
N ARG B 127 -12.63 -29.23 -21.31
CA ARG B 127 -13.54 -30.21 -21.99
C ARG B 127 -14.63 -29.54 -22.83
N HIS B 128 -15.35 -28.60 -22.21
CA HIS B 128 -16.39 -27.82 -22.90
C HIS B 128 -15.88 -26.49 -23.47
N CYS B 129 -14.80 -25.92 -22.89
CA CYS B 129 -14.15 -24.73 -23.49
C CYS B 129 -12.67 -24.93 -23.84
N PRO B 130 -12.40 -25.62 -24.97
CA PRO B 130 -11.06 -25.89 -25.48
C PRO B 130 -10.27 -24.65 -25.74
N ASP B 131 -10.95 -23.54 -26.00
CA ASP B 131 -10.24 -22.30 -26.36
C ASP B 131 -9.96 -21.42 -25.12
N LEU B 132 -10.16 -21.97 -23.92
CA LEU B 132 -9.97 -21.16 -22.71
C LEU B 132 -8.58 -20.51 -22.63
N CYS B 133 -8.50 -19.38 -21.93
CA CYS B 133 -7.22 -18.83 -21.55
C CYS B 133 -7.20 -18.70 -20.03
N VAL B 134 -6.01 -18.58 -19.47
CA VAL B 134 -5.88 -18.73 -18.02
C VAL B 134 -5.20 -17.46 -17.49
N VAL B 135 -5.78 -16.84 -16.48
CA VAL B 135 -5.11 -15.79 -15.74
C VAL B 135 -4.73 -16.38 -14.38
N TRP B 136 -3.43 -16.52 -14.15
CA TRP B 136 -2.93 -17.18 -12.92
C TRP B 136 -2.39 -16.12 -11.97
N VAL B 137 -3.11 -15.88 -10.88
CA VAL B 137 -2.78 -14.78 -9.97
C VAL B 137 -2.20 -15.43 -8.72
N ASP B 138 -0.92 -15.17 -8.48
CA ASP B 138 -0.21 -16.01 -7.52
C ASP B 138 1.15 -15.35 -7.26
N ALA B 139 1.67 -15.50 -6.05
CA ALA B 139 3.10 -15.19 -5.76
C ALA B 139 4.02 -16.16 -6.52
N HIS B 140 3.46 -17.33 -6.87
CA HIS B 140 4.21 -18.46 -7.39
C HIS B 140 3.78 -18.87 -8.79
N ALA B 141 4.73 -19.33 -9.59
CA ALA B 141 4.39 -19.79 -10.94
C ALA B 141 3.81 -21.21 -10.95
N ASP B 142 4.09 -22.01 -9.92
CA ASP B 142 3.52 -23.35 -9.81
C ASP B 142 3.71 -24.18 -11.11
N ILE B 143 4.89 -24.09 -11.70
CA ILE B 143 5.17 -24.70 -12.98
C ILE B 143 6.40 -25.61 -12.89
N ASN B 144 6.76 -26.03 -11.68
CA ASN B 144 7.80 -27.06 -11.51
C ASN B 144 7.26 -28.34 -12.15
N THR B 145 8.14 -29.12 -12.77
CA THR B 145 7.80 -30.50 -13.20
C THR B 145 8.04 -31.46 -12.03
N PRO B 146 7.55 -32.73 -12.13
CA PRO B 146 7.82 -33.70 -11.06
C PRO B 146 9.32 -33.99 -10.85
N LEU B 147 10.12 -33.61 -11.86
CA LEU B 147 11.57 -33.74 -11.85
C LEU B 147 12.31 -32.49 -11.36
N THR B 148 11.70 -31.31 -11.43
CA THR B 148 12.37 -30.08 -10.93
C THR B 148 11.99 -29.65 -9.52
N THR B 149 10.91 -30.19 -8.98
CA THR B 149 10.45 -29.78 -7.66
C THR B 149 11.48 -30.20 -6.60
N SER B 150 11.66 -29.35 -5.60
CA SER B 150 12.54 -29.60 -4.48
C SER B 150 11.71 -30.12 -3.34
N SER B 151 10.49 -29.59 -3.24
CA SER B 151 9.61 -29.90 -2.12
C SER B 151 8.91 -31.24 -2.33
N GLY B 152 8.71 -31.60 -3.59
CA GLY B 152 7.80 -32.70 -3.96
C GLY B 152 6.30 -32.40 -3.83
N ASN B 153 5.95 -31.16 -3.43
CA ASN B 153 4.56 -30.73 -3.24
C ASN B 153 3.86 -30.47 -4.57
N LEU B 154 2.77 -31.19 -4.80
CA LEU B 154 2.11 -31.11 -6.09
C LEU B 154 1.46 -29.72 -6.35
N HIS B 155 1.17 -28.97 -5.29
CA HIS B 155 0.62 -27.58 -5.47
C HIS B 155 1.58 -26.64 -6.16
N GLY B 156 2.83 -27.09 -6.33
CA GLY B 156 3.86 -26.29 -6.97
C GLY B 156 4.15 -26.72 -8.39
N GLN B 157 3.39 -27.72 -8.85
CA GLN B 157 3.58 -28.31 -10.18
C GLN B 157 2.35 -28.26 -11.14
N PRO B 158 1.17 -27.76 -10.69
CA PRO B 158 -0.05 -28.05 -11.52
C PRO B 158 0.06 -27.62 -12.97
N VAL B 159 0.75 -26.51 -13.20
CA VAL B 159 0.84 -25.96 -14.53
C VAL B 159 1.71 -26.81 -15.48
N SER B 160 2.71 -27.52 -14.94
CA SER B 160 3.49 -28.44 -15.79
C SER B 160 2.61 -29.51 -16.41
N PHE B 161 1.69 -30.10 -15.64
CA PHE B 161 0.80 -31.16 -16.17
C PHE B 161 -0.18 -30.65 -17.24
N LEU B 162 -0.52 -29.37 -17.19
CA LEU B 162 -1.56 -28.79 -18.07
C LEU B 162 -1.00 -28.23 -19.38
N LEU B 163 0.28 -27.89 -19.38
CA LEU B 163 0.87 -27.16 -20.49
C LEU B 163 1.31 -28.06 -21.64
N ARG B 164 0.85 -27.75 -22.86
CA ARG B 164 1.09 -28.58 -24.05
C ARG B 164 2.56 -28.74 -24.42
N GLU B 165 3.27 -27.61 -24.44
CA GLU B 165 4.64 -27.53 -24.92
C GLU B 165 5.63 -28.20 -23.98
N LEU B 166 5.12 -28.65 -22.83
CA LEU B 166 5.98 -29.12 -21.75
C LEU B 166 5.89 -30.63 -21.56
N GLN B 167 5.02 -31.28 -22.34
CA GLN B 167 4.70 -32.69 -22.11
C GLN B 167 5.87 -33.69 -22.05
N ASP B 168 6.85 -33.50 -22.92
CA ASP B 168 8.01 -34.41 -22.93
C ASP B 168 9.00 -34.22 -21.75
N LYS B 169 8.71 -33.26 -20.86
CA LYS B 169 9.57 -33.02 -19.70
C LYS B 169 8.86 -33.49 -18.46
N VAL B 170 7.62 -33.91 -18.62
CA VAL B 170 6.78 -34.39 -17.53
C VAL B 170 6.63 -35.90 -17.67
N PRO B 171 7.01 -36.65 -16.62
CA PRO B 171 6.84 -38.09 -16.66
C PRO B 171 5.42 -38.48 -16.22
N GLN B 172 5.00 -39.70 -16.52
CA GLN B 172 3.67 -40.20 -16.17
C GLN B 172 3.67 -40.64 -14.72
N LEU B 173 2.91 -39.96 -13.87
CA LEU B 173 2.82 -40.31 -12.46
C LEU B 173 1.60 -41.19 -12.28
N PRO B 174 1.66 -42.14 -11.33
CA PRO B 174 0.44 -42.88 -11.02
C PRO B 174 -0.70 -41.92 -10.72
N GLY B 175 -1.82 -42.08 -11.43
CA GLY B 175 -3.03 -41.30 -11.14
C GLY B 175 -3.22 -40.07 -12.00
N PHE B 176 -2.29 -39.86 -12.94
CA PHE B 176 -2.20 -38.62 -13.72
C PHE B 176 -2.29 -38.85 -15.22
N SER B 177 -2.47 -40.11 -15.65
CA SER B 177 -2.52 -40.47 -17.07
C SER B 177 -3.75 -39.86 -17.77
N TRP B 178 -4.84 -39.72 -17.03
CA TRP B 178 -6.09 -39.12 -17.55
C TRP B 178 -5.92 -37.71 -18.10
N ILE B 179 -4.87 -37.00 -17.65
CA ILE B 179 -4.69 -35.58 -17.93
C ILE B 179 -4.12 -35.32 -19.32
N LYS B 180 -4.96 -34.82 -20.21
CA LYS B 180 -4.51 -34.43 -21.53
C LYS B 180 -4.09 -32.96 -21.41
N PRO B 181 -2.82 -32.64 -21.74
CA PRO B 181 -2.41 -31.22 -21.75
C PRO B 181 -3.36 -30.37 -22.59
N CYS B 182 -3.89 -29.31 -22.00
CA CYS B 182 -4.96 -28.53 -22.64
C CYS B 182 -4.67 -27.05 -22.84
N ILE B 183 -3.57 -26.54 -22.33
CA ILE B 183 -3.28 -25.12 -22.61
C ILE B 183 -1.93 -24.97 -23.23
N SER B 184 -1.83 -24.08 -24.21
CA SER B 184 -0.56 -23.68 -24.78
C SER B 184 0.07 -22.57 -23.95
N SER B 185 1.37 -22.40 -24.13
CA SER B 185 2.14 -21.40 -23.43
C SER B 185 1.65 -19.97 -23.71
N ALA B 186 1.00 -19.77 -24.86
CA ALA B 186 0.54 -18.42 -25.19
C ALA B 186 -0.83 -18.08 -24.61
N SER B 187 -1.44 -19.01 -23.90
CA SER B 187 -2.79 -18.86 -23.39
C SER B 187 -2.86 -18.83 -21.88
N ILE B 188 -1.71 -18.63 -21.24
CA ILE B 188 -1.71 -18.40 -19.79
C ILE B 188 -0.84 -17.16 -19.52
N VAL B 189 -1.32 -16.29 -18.65
CA VAL B 189 -0.54 -15.15 -18.18
C VAL B 189 -0.58 -15.16 -16.66
N TYR B 190 0.61 -14.98 -16.06
CA TYR B 190 0.74 -14.86 -14.61
C TYR B 190 0.74 -13.40 -14.17
N ILE B 191 0.18 -13.17 -13.00
CA ILE B 191 0.19 -11.86 -12.37
C ILE B 191 0.52 -12.02 -10.91
N GLY B 192 1.54 -11.31 -10.42
CA GLY B 192 1.79 -11.29 -8.97
C GLY B 192 3.07 -11.98 -8.52
N LEU B 193 3.78 -12.57 -9.47
CA LEU B 193 4.96 -13.42 -9.19
C LEU B 193 6.04 -12.73 -8.38
N ARG B 194 6.51 -13.42 -7.36
CA ARG B 194 7.58 -12.91 -6.53
C ARG B 194 8.45 -13.99 -5.88
N ASP B 195 8.12 -15.26 -6.07
CA ASP B 195 8.86 -16.38 -5.45
C ASP B 195 8.90 -17.52 -6.47
N VAL B 196 9.82 -17.38 -7.43
CA VAL B 196 9.91 -18.25 -8.59
C VAL B 196 11.26 -19.03 -8.52
N ASP B 197 11.21 -20.37 -8.51
CA ASP B 197 12.42 -21.22 -8.46
C ASP B 197 13.21 -21.11 -9.75
N PRO B 198 14.53 -21.33 -9.70
CA PRO B 198 15.32 -21.25 -10.94
C PRO B 198 14.80 -22.11 -12.14
N PRO B 199 14.39 -23.38 -11.93
CA PRO B 199 13.83 -24.12 -13.07
C PRO B 199 12.55 -23.50 -13.64
N GLU B 200 11.76 -22.89 -12.77
CA GLU B 200 10.53 -22.19 -13.13
C GLU B 200 10.84 -21.00 -14.01
N HIS B 201 11.86 -20.24 -13.60
CA HIS B 201 12.25 -19.05 -14.35
C HIS B 201 12.78 -19.48 -15.71
N PHE B 202 13.54 -20.57 -15.74
CA PHE B 202 13.95 -21.19 -17.00
C PHE B 202 12.77 -21.51 -17.92
N ILE B 203 11.76 -22.17 -17.37
CA ILE B 203 10.55 -22.55 -18.12
C ILE B 203 9.82 -21.33 -18.66
N LEU B 204 9.54 -20.37 -17.77
CA LEU B 204 8.89 -19.13 -18.16
C LEU B 204 9.58 -18.52 -19.35
N LYS B 205 10.89 -18.33 -19.26
CA LYS B 205 11.65 -17.63 -20.34
C LYS B 205 11.77 -18.45 -21.62
N ASN B 206 12.00 -19.75 -21.47
CA ASN B 206 12.28 -20.58 -22.63
C ASN B 206 11.03 -21.01 -23.39
N TYR B 207 9.91 -21.10 -22.69
CA TYR B 207 8.66 -21.38 -23.37
C TYR B 207 7.85 -20.10 -23.73
N ASP B 208 8.46 -18.93 -23.54
CA ASP B 208 7.83 -17.62 -23.85
C ASP B 208 6.52 -17.40 -23.12
N ILE B 209 6.44 -17.84 -21.87
CA ILE B 209 5.24 -17.65 -21.07
C ILE B 209 5.29 -16.24 -20.45
N GLN B 210 4.23 -15.47 -20.68
CA GLN B 210 4.24 -14.06 -20.32
C GLN B 210 3.82 -13.93 -18.89
N TYR B 211 4.47 -13.01 -18.18
CA TYR B 211 4.11 -12.82 -16.79
C TYR B 211 4.33 -11.37 -16.34
N PHE B 212 3.54 -10.97 -15.36
CA PHE B 212 3.71 -9.66 -14.76
C PHE B 212 4.06 -9.89 -13.30
N SER B 213 5.37 -9.86 -12.99
CA SER B 213 5.82 -10.03 -11.60
C SER B 213 5.39 -8.82 -10.78
N MET B 214 5.60 -8.88 -9.46
CA MET B 214 5.50 -7.71 -8.62
C MET B 214 6.29 -6.52 -9.17
N ARG B 215 7.45 -6.78 -9.73
CA ARG B 215 8.29 -5.70 -10.23
C ARG B 215 7.65 -5.07 -11.47
N ASP B 216 7.05 -5.88 -12.35
CA ASP B 216 6.34 -5.32 -13.50
C ASP B 216 5.14 -4.49 -13.03
N ILE B 217 4.45 -4.93 -11.98
CA ILE B 217 3.37 -4.11 -11.43
C ILE B 217 3.87 -2.79 -10.85
N ASP B 218 5.03 -2.82 -10.17
CA ASP B 218 5.59 -1.61 -9.60
C ASP B 218 5.90 -0.59 -10.72
N ARG B 219 6.29 -1.10 -11.89
CA ARG B 219 6.69 -0.24 -13.04
C ARG B 219 5.49 0.28 -13.81
N LEU B 220 4.61 -0.64 -14.16
CA LEU B 220 3.50 -0.37 -15.05
C LEU B 220 2.25 0.12 -14.35
N GLY B 221 2.01 -0.34 -13.12
CA GLY B 221 0.72 -0.08 -12.51
C GLY B 221 -0.23 -1.18 -12.91
N ILE B 222 -1.10 -1.56 -11.99
CA ILE B 222 -2.04 -2.64 -12.27
C ILE B 222 -3.02 -2.42 -13.46
N GLN B 223 -3.42 -1.16 -13.75
CA GLN B 223 -4.27 -0.85 -14.94
C GLN B 223 -3.60 -1.33 -16.22
N LYS B 224 -2.39 -0.84 -16.45
CA LYS B 224 -1.57 -1.32 -17.58
C LYS B 224 -1.30 -2.81 -17.58
N VAL B 225 -1.14 -3.41 -16.39
CA VAL B 225 -0.87 -4.83 -16.35
C VAL B 225 -2.10 -5.58 -16.91
N MET B 226 -3.29 -5.15 -16.52
CA MET B 226 -4.53 -5.78 -17.00
C MET B 226 -4.76 -5.57 -18.49
N GLU B 227 -4.46 -4.36 -18.98
CA GLU B 227 -4.62 -4.05 -20.41
C GLU B 227 -3.77 -5.01 -21.21
N ARG B 228 -2.51 -5.15 -20.79
CA ARG B 228 -1.56 -5.95 -21.53
C ARG B 228 -1.85 -7.43 -21.42
N THR B 229 -2.36 -7.86 -20.26
CA THR B 229 -2.80 -9.26 -20.04
C THR B 229 -3.92 -9.67 -21.02
N PHE B 230 -4.91 -8.79 -21.14
CA PHE B 230 -6.00 -9.03 -22.06
C PHE B 230 -5.55 -8.91 -23.51
N ASP B 231 -4.65 -7.99 -23.80
CA ASP B 231 -4.06 -7.89 -25.14
C ASP B 231 -3.44 -9.25 -25.55
N LEU B 232 -2.77 -9.91 -24.60
CA LEU B 232 -2.07 -11.15 -24.90
C LEU B 232 -3.03 -12.33 -25.04
N LEU B 233 -4.07 -12.37 -24.21
CA LEU B 233 -4.96 -13.54 -24.10
C LEU B 233 -6.19 -13.45 -25.01
N ILE B 234 -6.81 -12.27 -25.04
CA ILE B 234 -8.01 -12.04 -25.86
C ILE B 234 -7.86 -10.90 -26.89
N GLY B 235 -6.63 -10.54 -27.23
CA GLY B 235 -6.36 -9.49 -28.25
C GLY B 235 -6.83 -9.81 -29.68
N LYS B 236 -6.90 -11.11 -29.95
CA LYS B 236 -7.28 -11.63 -31.26
C LYS B 236 -8.76 -12.00 -31.33
N ARG B 237 -9.32 -12.43 -30.21
CA ARG B 237 -10.69 -12.92 -30.18
C ARG B 237 -11.16 -13.05 -28.74
N GLN B 238 -12.47 -13.05 -28.54
CA GLN B 238 -13.04 -13.42 -27.25
C GLN B 238 -12.88 -14.92 -26.94
N ARG B 239 -12.53 -15.21 -25.68
CA ARG B 239 -12.26 -16.58 -25.23
C ARG B 239 -12.78 -16.75 -23.84
N PRO B 240 -13.12 -18.00 -23.45
CA PRO B 240 -13.54 -18.22 -22.08
C PRO B 240 -12.31 -17.96 -21.18
N ILE B 241 -12.54 -17.31 -20.03
CA ILE B 241 -11.48 -17.03 -19.08
C ILE B 241 -11.57 -17.92 -17.85
N HIS B 242 -10.43 -18.51 -17.50
CA HIS B 242 -10.29 -19.25 -16.28
C HIS B 242 -9.36 -18.43 -15.37
N LEU B 243 -9.88 -17.97 -14.23
CA LEU B 243 -9.07 -17.20 -13.29
C LEU B 243 -8.67 -18.09 -12.14
N SER B 244 -7.37 -18.40 -12.08
CA SER B 244 -6.91 -19.24 -10.99
C SER B 244 -6.20 -18.33 -10.00
N PHE B 245 -6.81 -18.17 -8.85
CA PHE B 245 -6.45 -17.12 -7.93
C PHE B 245 -6.03 -17.70 -6.57
N ASP B 246 -4.74 -17.58 -6.30
CA ASP B 246 -4.18 -18.04 -5.06
C ASP B 246 -4.18 -16.84 -4.13
N ILE B 247 -4.80 -17.01 -2.97
CA ILE B 247 -4.90 -15.97 -1.98
C ILE B 247 -3.51 -15.40 -1.62
N ASP B 248 -2.45 -16.22 -1.73
CA ASP B 248 -1.08 -15.78 -1.36
C ASP B 248 -0.48 -14.80 -2.41
N ALA B 249 -1.21 -14.53 -3.50
CA ALA B 249 -0.88 -13.35 -4.36
C ALA B 249 -0.89 -12.04 -3.53
N PHE B 250 -1.79 -11.95 -2.54
CA PHE B 250 -1.89 -10.75 -1.71
C PHE B 250 -0.76 -10.74 -0.69
N ASP B 251 -0.34 -9.56 -0.31
CA ASP B 251 0.65 -9.42 0.72
C ASP B 251 0.19 -10.19 1.98
N PRO B 252 1.13 -10.84 2.69
CA PRO B 252 0.82 -11.60 3.94
C PRO B 252 0.12 -10.78 5.02
N THR B 253 0.32 -9.45 5.04
CA THR B 253 -0.41 -8.58 5.97
C THR B 253 -1.94 -8.63 5.75
N LEU B 254 -2.35 -8.95 4.53
CA LEU B 254 -3.75 -8.94 4.15
C LEU B 254 -4.35 -10.36 4.15
N ALA B 255 -3.53 -11.33 3.73
CA ALA B 255 -3.91 -12.72 3.60
C ALA B 255 -2.89 -13.59 4.35
N PRO B 256 -2.92 -13.52 5.71
CA PRO B 256 -1.93 -14.26 6.47
C PRO B 256 -2.25 -15.76 6.64
N ALA B 257 -3.53 -16.13 6.60
CA ALA B 257 -3.89 -17.55 6.76
C ALA B 257 -3.70 -18.33 5.43
N THR B 258 -2.43 -18.67 5.15
CA THR B 258 -2.02 -19.36 3.91
C THR B 258 -0.62 -19.99 4.09
N GLY B 259 -0.34 -21.04 3.34
CA GLY B 259 0.82 -21.91 3.59
C GLY B 259 2.20 -21.43 3.15
N THR B 260 2.27 -20.64 2.08
CA THR B 260 3.55 -20.18 1.58
C THR B 260 3.48 -18.67 1.36
N PRO B 261 3.42 -17.90 2.46
CA PRO B 261 3.26 -16.44 2.36
C PRO B 261 4.56 -15.84 1.88
N VAL B 262 4.47 -14.80 1.06
CA VAL B 262 5.69 -14.16 0.54
C VAL B 262 5.49 -12.64 0.61
N VAL B 263 6.41 -11.94 1.27
CA VAL B 263 6.27 -10.51 1.54
C VAL B 263 6.27 -9.73 0.23
N GLY B 264 5.64 -8.55 0.23
CA GLY B 264 5.63 -7.63 -0.94
C GLY B 264 4.65 -8.01 -2.05
N GLY B 265 3.45 -8.41 -1.65
CA GLY B 265 2.41 -8.86 -2.61
C GLY B 265 1.44 -7.78 -3.02
N LEU B 266 0.37 -8.20 -3.69
CA LEU B 266 -0.67 -7.26 -4.10
C LEU B 266 -1.30 -6.58 -2.91
N THR B 267 -1.68 -5.33 -3.10
CA THR B 267 -2.56 -4.63 -2.16
C THR B 267 -4.00 -5.08 -2.37
N TYR B 268 -4.85 -4.79 -1.39
CA TYR B 268 -6.27 -5.04 -1.49
C TYR B 268 -6.81 -4.44 -2.79
N ARG B 269 -6.43 -3.18 -3.01
CA ARG B 269 -6.91 -2.45 -4.18
C ARG B 269 -6.50 -3.09 -5.50
N GLU B 270 -5.23 -3.49 -5.60
CA GLU B 270 -4.75 -4.13 -6.84
C GLU B 270 -5.53 -5.42 -7.13
N GLY B 271 -5.79 -6.19 -6.08
CA GLY B 271 -6.47 -7.47 -6.30
C GLY B 271 -7.91 -7.26 -6.70
N MET B 272 -8.59 -6.28 -6.10
CA MET B 272 -9.97 -5.94 -6.49
C MET B 272 -9.95 -5.49 -7.94
N TYR B 273 -8.96 -4.70 -8.29
CA TYR B 273 -8.84 -4.19 -9.68
C TYR B 273 -8.73 -5.31 -10.76
N ILE B 274 -7.86 -6.29 -10.49
CA ILE B 274 -7.79 -7.51 -11.32
C ILE B 274 -9.18 -8.18 -11.44
N ALA B 275 -9.82 -8.45 -10.32
CA ALA B 275 -11.15 -9.11 -10.36
C ALA B 275 -12.17 -8.29 -11.18
N GLU B 276 -12.19 -6.99 -10.90
CA GLU B 276 -13.09 -6.08 -11.63
C GLU B 276 -12.85 -6.08 -13.13
N GLU B 277 -11.60 -5.98 -13.55
CA GLU B 277 -11.25 -6.07 -14.97
C GLU B 277 -11.65 -7.42 -15.58
N ILE B 278 -11.37 -8.51 -14.86
CA ILE B 278 -11.87 -9.84 -15.27
C ILE B 278 -13.41 -9.82 -15.46
N HIS B 279 -14.13 -9.29 -14.50
CA HIS B 279 -15.60 -9.18 -14.63
C HIS B 279 -16.01 -8.37 -15.84
N ASN B 280 -15.37 -7.23 -16.01
CA ASN B 280 -15.68 -6.32 -17.10
C ASN B 280 -15.51 -6.93 -18.51
N THR B 281 -14.77 -8.02 -18.63
CA THR B 281 -14.69 -8.70 -19.93
C THR B 281 -16.02 -9.36 -20.30
N GLY B 282 -16.77 -9.80 -19.30
CA GLY B 282 -17.97 -10.64 -19.48
C GLY B 282 -17.58 -12.03 -19.98
N LEU B 283 -16.34 -12.44 -19.70
CA LEU B 283 -15.86 -13.73 -20.17
C LEU B 283 -15.50 -14.72 -19.08
N LEU B 284 -15.70 -14.36 -17.81
CA LEU B 284 -15.26 -15.26 -16.76
C LEU B 284 -16.14 -16.54 -16.73
N SER B 285 -15.49 -17.70 -16.92
CA SER B 285 -16.21 -18.99 -17.02
CA SER B 285 -16.22 -18.97 -17.02
C SER B 285 -15.94 -19.90 -15.84
N ALA B 286 -14.79 -19.72 -15.20
CA ALA B 286 -14.42 -20.53 -14.08
C ALA B 286 -13.36 -19.78 -13.30
N LEU B 287 -13.37 -20.00 -11.99
CA LEU B 287 -12.54 -19.26 -11.05
C LEU B 287 -12.12 -20.22 -9.94
N ASP B 288 -10.82 -20.24 -9.62
CA ASP B 288 -10.34 -20.96 -8.46
C ASP B 288 -9.96 -19.94 -7.42
N LEU B 289 -10.39 -20.16 -6.19
CA LEU B 289 -9.88 -19.38 -5.09
C LEU B 289 -9.23 -20.37 -4.14
N VAL B 290 -7.89 -20.36 -4.14
CA VAL B 290 -7.15 -21.44 -3.48
C VAL B 290 -6.27 -20.95 -2.33
N GLU B 291 -5.89 -21.89 -1.47
CA GLU B 291 -4.85 -21.74 -0.44
C GLU B 291 -5.22 -21.03 0.86
N VAL B 292 -6.50 -20.75 1.09
CA VAL B 292 -6.95 -20.26 2.36
C VAL B 292 -6.86 -21.43 3.35
N ASN B 293 -5.99 -21.27 4.34
CA ASN B 293 -5.79 -22.22 5.46
C ASN B 293 -6.04 -21.58 6.81
N PRO B 294 -7.28 -21.66 7.32
CA PRO B 294 -7.62 -20.98 8.57
C PRO B 294 -6.74 -21.39 9.77
N GLN B 295 -6.26 -22.63 9.77
CA GLN B 295 -5.43 -23.11 10.88
C GLN B 295 -4.07 -22.42 11.00
N LEU B 296 -3.55 -21.85 9.89
CA LEU B 296 -2.25 -21.20 9.92
C LEU B 296 -2.27 -19.79 10.51
N ALA B 297 -3.47 -19.24 10.69
CA ALA B 297 -3.64 -17.95 11.33
C ALA B 297 -3.22 -18.01 12.80
N THR B 298 -2.67 -16.93 13.31
CA THR B 298 -2.27 -16.87 14.70
C THR B 298 -3.41 -16.39 15.61
N SER B 299 -4.53 -15.99 15.01
CA SER B 299 -5.72 -15.57 15.75
C SER B 299 -6.96 -15.79 14.91
N GLU B 300 -8.13 -15.64 15.53
CA GLU B 300 -9.38 -15.80 14.78
C GLU B 300 -9.65 -14.66 13.78
N GLU B 301 -9.18 -13.45 14.08
CA GLU B 301 -9.35 -12.34 13.15
C GLU B 301 -8.51 -12.53 11.87
N GLU B 302 -7.23 -12.87 12.02
CA GLU B 302 -6.37 -13.22 10.88
C GLU B 302 -7.03 -14.27 9.98
N ALA B 303 -7.65 -15.29 10.60
CA ALA B 303 -8.34 -16.34 9.84
C ALA B 303 -9.53 -15.76 9.08
N LYS B 304 -10.35 -15.00 9.80
CA LYS B 304 -11.52 -14.38 9.23
C LYS B 304 -11.17 -13.31 8.15
N THR B 305 -10.16 -12.47 8.40
CA THR B 305 -9.82 -11.44 7.39
C THR B 305 -9.40 -12.08 6.06
N THR B 306 -8.67 -13.18 6.16
CA THR B 306 -8.23 -13.95 5.00
C THR B 306 -9.42 -14.49 4.20
N ALA B 307 -10.42 -15.02 4.93
CA ALA B 307 -11.62 -15.56 4.33
C ALA B 307 -12.50 -14.41 3.78
N ASN B 308 -12.58 -13.30 4.51
CA ASN B 308 -13.30 -12.13 3.98
C ASN B 308 -12.69 -11.59 2.68
N LEU B 309 -11.37 -11.58 2.63
CA LEU B 309 -10.65 -11.18 1.40
C LEU B 309 -10.97 -12.12 0.25
N ALA B 310 -11.02 -13.42 0.54
CA ALA B 310 -11.37 -14.41 -0.47
C ALA B 310 -12.77 -14.16 -1.06
N VAL B 311 -13.73 -13.81 -0.19
CA VAL B 311 -15.10 -13.48 -0.62
C VAL B 311 -15.10 -12.26 -1.56
N ASP B 312 -14.39 -11.21 -1.15
CA ASP B 312 -14.23 -9.99 -1.94
C ASP B 312 -13.69 -10.25 -3.34
N VAL B 313 -12.69 -11.12 -3.48
CA VAL B 313 -12.18 -11.49 -4.80
C VAL B 313 -13.26 -12.13 -5.67
N ILE B 314 -13.98 -13.09 -5.10
CA ILE B 314 -14.99 -13.84 -5.83
C ILE B 314 -16.14 -12.91 -6.21
N ALA B 315 -16.61 -12.11 -5.25
CA ALA B 315 -17.73 -11.19 -5.52
C ALA B 315 -17.36 -10.17 -6.60
N SER B 316 -16.15 -9.60 -6.54
CA SER B 316 -15.73 -8.65 -7.60
C SER B 316 -15.53 -9.31 -8.95
N SER B 317 -15.16 -10.59 -8.94
CA SER B 317 -15.02 -11.29 -10.22
C SER B 317 -16.39 -11.45 -10.90
N PHE B 318 -17.46 -11.35 -10.10
CA PHE B 318 -18.84 -11.49 -10.59
C PHE B 318 -19.70 -10.22 -10.51
N GLY B 319 -19.07 -9.07 -10.34
CA GLY B 319 -19.80 -7.82 -10.48
C GLY B 319 -19.78 -6.87 -9.31
N GLN B 320 -19.33 -7.31 -8.14
CA GLN B 320 -19.21 -6.32 -7.09
C GLN B 320 -18.23 -5.22 -7.55
N THR B 321 -18.62 -3.95 -7.33
CA THR B 321 -17.85 -2.78 -7.72
C THR B 321 -17.57 -1.90 -6.52
N ARG B 322 -16.65 -0.97 -6.71
CA ARG B 322 -16.27 0.01 -5.70
C ARG B 322 -17.09 1.29 -5.99
N GLU B 323 -18.18 1.16 -6.73
CA GLU B 323 -18.85 2.36 -7.27
C GLU B 323 -20.37 2.24 -7.24
N GLY B 324 -20.88 1.15 -6.65
CA GLY B 324 -22.32 0.92 -6.56
C GLY B 324 -23.02 0.66 -7.88
N GLY B 325 -22.26 0.19 -8.86
CA GLY B 325 -22.77 0.04 -10.23
C GLY B 325 -23.18 -1.37 -10.64
N HIS B 326 -23.40 -2.25 -9.66
CA HIS B 326 -23.76 -3.64 -9.95
C HIS B 326 -25.21 -3.82 -10.47
N ILE B 327 -26.17 -3.09 -9.92
CA ILE B 327 -27.58 -3.18 -10.33
C ILE B 327 -27.96 -2.04 -11.28
N VAL B 328 -28.95 -2.29 -12.12
CA VAL B 328 -29.55 -1.23 -12.91
C VAL B 328 -30.44 -0.40 -11.98
N TYR B 329 -30.31 0.92 -12.07
CA TYR B 329 -31.19 1.84 -11.32
C TYR B 329 -31.63 2.90 -12.32
N ASP B 330 -32.95 3.05 -12.42
CA ASP B 330 -33.62 3.72 -13.53
C ASP B 330 -34.19 5.09 -13.22
N GLN B 331 -34.68 5.23 -11.99
CA GLN B 331 -35.61 6.30 -11.67
C GLN B 331 -35.56 6.59 -10.17
N LEU B 332 -35.35 7.85 -9.81
CA LEU B 332 -35.39 8.23 -8.40
C LEU B 332 -36.81 8.33 -7.91
N PRO B 333 -37.04 7.97 -6.63
CA PRO B 333 -38.36 8.18 -6.05
C PRO B 333 -38.58 9.67 -5.87
N THR B 334 -39.85 10.07 -5.84
CA THR B 334 -40.24 11.46 -5.73
C THR B 334 -41.21 11.67 -4.55
N PRO B 335 -41.07 12.82 -3.85
CA PRO B 335 -41.95 13.06 -2.72
C PRO B 335 -43.31 13.56 -3.22
N SER B 336 -43.38 13.79 -4.53
CA SER B 336 -44.55 13.78 -5.41
C SER B 336 -45.82 13.17 -4.84
N PHE C 15 7.34 32.27 8.74
CA PHE C 15 6.63 31.11 8.15
C PHE C 15 6.35 31.35 6.67
N GLN C 16 6.22 30.28 5.89
CA GLN C 16 5.89 30.40 4.46
C GLN C 16 4.63 31.24 4.24
N SER C 17 3.58 30.94 4.99
CA SER C 17 2.32 31.72 4.95
C SER C 17 1.57 31.63 6.28
N VAL C 18 0.92 32.73 6.64
CA VAL C 18 0.08 32.81 7.83
C VAL C 18 -1.40 32.60 7.42
N HIS C 19 -2.14 31.84 8.22
CA HIS C 19 -3.57 31.66 8.01
C HIS C 19 -4.31 31.94 9.29
N SER C 20 -5.49 32.52 9.17
CA SER C 20 -6.40 32.65 10.29
C SER C 20 -7.37 31.49 10.27
N VAL C 21 -7.41 30.76 11.37
CA VAL C 21 -8.15 29.51 11.47
C VAL C 21 -9.06 29.51 12.70
N ALA C 22 -10.36 29.31 12.50
CA ALA C 22 -11.28 29.06 13.60
C ALA C 22 -11.48 27.57 13.72
N VAL C 23 -11.67 27.11 14.95
CA VAL C 23 -11.89 25.71 15.26
C VAL C 23 -13.21 25.58 16.01
N ILE C 24 -14.15 24.83 15.44
CA ILE C 24 -15.42 24.53 16.10
C ILE C 24 -15.55 23.02 16.34
N GLY C 25 -15.80 22.64 17.59
CA GLY C 25 -16.12 21.26 17.89
C GLY C 25 -17.60 21.05 17.72
N ALA C 26 -17.98 20.02 16.96
CA ALA C 26 -19.40 19.63 16.84
C ALA C 26 -19.64 18.20 17.31
N PRO C 27 -19.76 18.00 18.64
CA PRO C 27 -19.89 16.64 19.18
C PRO C 27 -21.28 16.06 18.94
N PHE C 28 -21.56 15.63 17.70
CA PHE C 28 -22.90 15.18 17.35
C PHE C 28 -22.91 13.75 16.77
N SER C 29 -23.89 12.95 17.18
CA SER C 29 -23.92 11.52 16.87
C SER C 29 -25.20 11.05 16.20
N GLN C 30 -26.24 11.88 16.20
CA GLN C 30 -27.57 11.45 15.76
C GLN C 30 -27.83 11.33 14.26
N GLY C 31 -26.81 11.59 13.45
CA GLY C 31 -26.87 11.28 12.02
C GLY C 31 -26.63 9.80 11.78
N GLN C 32 -26.36 9.05 12.88
CA GLN C 32 -26.11 7.61 12.80
C GLN C 32 -26.46 6.90 14.12
N LYS C 33 -26.15 5.61 14.24
CA LYS C 33 -26.72 4.81 15.36
C LYS C 33 -25.70 4.33 16.36
N ARG C 34 -24.42 4.36 15.99
CA ARG C 34 -23.34 3.90 16.85
C ARG C 34 -22.88 5.01 17.78
N LYS C 35 -22.77 4.69 19.07
CA LYS C 35 -22.37 5.70 20.06
C LYS C 35 -20.85 5.97 20.06
N GLY C 36 -20.47 7.20 20.40
CA GLY C 36 -19.08 7.57 20.65
C GLY C 36 -18.44 8.59 19.74
N VAL C 37 -19.01 8.78 18.54
CA VAL C 37 -18.50 9.76 17.57
C VAL C 37 -18.64 11.20 18.11
N GLU C 38 -19.55 11.40 19.07
CA GLU C 38 -19.64 12.69 19.81
C GLU C 38 -18.34 13.06 20.54
N HIS C 39 -17.48 12.07 20.81
CA HIS C 39 -16.17 12.28 21.44
C HIS C 39 -15.03 12.50 20.44
N GLY C 40 -15.37 12.44 19.15
CA GLY C 40 -14.45 12.90 18.11
C GLY C 40 -13.72 14.19 18.35
N PRO C 41 -14.45 15.31 18.57
CA PRO C 41 -13.73 16.57 18.77
C PRO C 41 -12.71 16.53 19.93
N ALA C 42 -13.08 15.89 21.04
CA ALA C 42 -12.15 15.77 22.17
C ALA C 42 -10.90 14.99 21.78
N ALA C 43 -11.10 13.83 21.16
CA ALA C 43 -9.99 12.98 20.71
C ALA C 43 -9.00 13.74 19.84
N ILE C 44 -9.53 14.45 18.84
CA ILE C 44 -8.67 15.23 17.93
C ILE C 44 -7.91 16.33 18.72
N ARG C 45 -8.61 16.99 19.65
CA ARG C 45 -7.99 18.02 20.49
C ARG C 45 -6.85 17.47 21.33
N GLU C 46 -7.10 16.34 22.01
CA GLU C 46 -6.10 15.64 22.84
C GLU C 46 -4.89 15.12 22.06
N ALA C 47 -5.10 14.81 20.78
CA ALA C 47 -4.00 14.52 19.88
C ALA C 47 -3.18 15.78 19.51
N GLY C 48 -3.56 16.93 20.04
CA GLY C 48 -2.70 18.13 19.93
C GLY C 48 -2.95 19.09 18.79
N LEU C 49 -4.20 19.15 18.31
CA LEU C 49 -4.51 19.97 17.13
C LEU C 49 -4.05 21.43 17.25
N MET C 50 -4.40 22.08 18.35
CA MET C 50 -4.13 23.54 18.48
C MET C 50 -2.64 23.89 18.46
N LYS C 51 -1.87 23.13 19.25
CA LYS C 51 -0.41 23.23 19.26
C LYS C 51 0.19 23.07 17.84
N ARG C 52 -0.30 22.09 17.09
CA ARG C 52 0.20 21.83 15.73
C ARG C 52 -0.10 23.01 14.80
N LEU C 53 -1.34 23.50 14.83
CA LEU C 53 -1.70 24.68 14.03
C LEU C 53 -0.92 25.94 14.47
N SER C 54 -0.72 26.10 15.79
CA SER C 54 0.15 27.21 16.28
C SER C 54 1.55 27.15 15.70
N SER C 55 2.17 25.96 15.80
CA SER C 55 3.55 25.76 15.36
C SER C 55 3.73 26.06 13.88
N LEU C 56 2.64 26.01 13.11
CA LEU C 56 2.67 26.28 11.68
C LEU C 56 2.47 27.75 11.30
N GLY C 57 2.22 28.61 12.29
CA GLY C 57 2.01 30.04 12.04
C GLY C 57 0.57 30.50 11.98
N CYS C 58 -0.37 29.62 12.33
CA CYS C 58 -1.80 29.96 12.30
C CYS C 58 -2.27 30.91 13.40
N HIS C 59 -2.95 31.98 12.98
CA HIS C 59 -3.73 32.81 13.91
C HIS C 59 -5.01 32.04 14.23
N LEU C 60 -5.15 31.65 15.49
CA LEU C 60 -6.19 30.71 15.87
C LEU C 60 -7.32 31.35 16.65
N LYS C 61 -8.56 30.93 16.39
CA LYS C 61 -9.70 31.22 17.26
C LYS C 61 -10.48 29.94 17.59
N ASP C 62 -10.56 29.61 18.87
CA ASP C 62 -11.26 28.43 19.28
C ASP C 62 -12.66 28.81 19.75
N PHE C 63 -13.68 28.47 18.97
CA PHE C 63 -15.08 28.65 19.40
C PHE C 63 -15.48 27.57 20.42
N GLY C 64 -14.59 26.64 20.70
CA GLY C 64 -14.87 25.58 21.68
C GLY C 64 -15.72 24.48 21.07
N ASP C 65 -16.27 23.64 21.93
CA ASP C 65 -17.14 22.57 21.47
C ASP C 65 -18.59 22.93 21.75
N LEU C 66 -19.38 22.98 20.68
CA LEU C 66 -20.77 23.44 20.79
C LEU C 66 -21.63 22.46 21.57
N SER C 67 -22.64 23.00 22.26
CA SER C 67 -23.59 22.19 22.99
C SER C 67 -24.91 22.33 22.25
N PHE C 68 -25.36 21.25 21.62
CA PHE C 68 -26.55 21.33 20.79
C PHE C 68 -27.81 21.12 21.62
N THR C 69 -28.81 21.95 21.35
CA THR C 69 -30.13 21.90 21.97
C THR C 69 -30.77 20.54 21.71
N PRO C 70 -31.00 19.75 22.78
CA PRO C 70 -31.66 18.47 22.54
C PRO C 70 -33.09 18.64 22.02
N VAL C 71 -33.60 17.56 21.45
CA VAL C 71 -35.01 17.48 21.06
C VAL C 71 -35.54 16.24 21.81
N PRO C 72 -36.57 16.44 22.68
CA PRO C 72 -37.08 15.34 23.50
C PRO C 72 -37.69 14.22 22.66
N LYS C 73 -38.75 14.56 21.92
CA LYS C 73 -39.46 13.60 21.07
C LYS C 73 -38.95 13.78 19.66
N ASP C 74 -38.58 12.66 19.03
CA ASP C 74 -37.83 12.69 17.79
C ASP C 74 -37.59 11.26 17.30
N ASP C 75 -38.67 10.52 17.10
CA ASP C 75 -38.55 9.11 16.74
C ASP C 75 -38.56 8.89 15.23
N LEU C 76 -38.40 7.63 14.82
CA LEU C 76 -38.40 7.24 13.41
C LEU C 76 -39.50 7.95 12.64
N TYR C 77 -39.10 8.58 11.53
CA TYR C 77 -40.02 9.30 10.69
C TYR C 77 -40.32 8.42 9.48
N ASN C 78 -41.60 8.07 9.34
CA ASN C 78 -42.07 7.11 8.32
C ASN C 78 -41.35 5.76 8.41
N ASN C 79 -41.15 5.31 9.65
CA ASN C 79 -40.40 4.09 9.98
C ASN C 79 -38.99 3.98 9.37
N LEU C 80 -38.43 5.12 8.94
CA LEU C 80 -37.16 5.11 8.22
C LEU C 80 -36.16 6.16 8.73
N ILE C 81 -36.51 7.44 8.69
CA ILE C 81 -35.54 8.50 9.02
C ILE C 81 -35.31 8.59 10.52
N VAL C 82 -34.06 8.41 10.93
CA VAL C 82 -33.71 8.48 12.34
C VAL C 82 -33.36 9.91 12.77
N ASN C 83 -34.00 10.33 13.86
CA ASN C 83 -33.80 11.63 14.52
C ASN C 83 -33.77 12.89 13.64
N PRO C 84 -34.75 13.06 12.73
CA PRO C 84 -34.62 14.24 11.84
C PRO C 84 -34.65 15.60 12.56
N ARG C 85 -35.52 15.76 13.56
CA ARG C 85 -35.58 17.03 14.30
C ARG C 85 -34.24 17.39 14.95
N SER C 86 -33.61 16.45 15.64
CA SER C 86 -32.32 16.71 16.29
C SER C 86 -31.25 17.02 15.25
N VAL C 87 -31.22 16.23 14.18
CA VAL C 87 -30.25 16.48 13.12
C VAL C 87 -30.49 17.84 12.48
N GLY C 88 -31.76 18.15 12.23
CA GLY C 88 -32.11 19.41 11.56
C GLY C 88 -31.72 20.62 12.40
N LEU C 89 -32.00 20.56 13.69
CA LEU C 89 -31.77 21.70 14.59
C LEU C 89 -30.30 21.91 14.93
N ALA C 90 -29.59 20.80 15.21
CA ALA C 90 -28.16 20.84 15.45
C ALA C 90 -27.43 21.48 14.28
N ASN C 91 -27.81 21.08 13.07
CA ASN C 91 -27.22 21.69 11.89
C ASN C 91 -27.58 23.16 11.69
N GLN C 92 -28.81 23.54 12.05
CA GLN C 92 -29.21 24.94 11.93
C GLN C 92 -28.34 25.79 12.84
N GLU C 93 -28.04 25.26 14.02
CA GLU C 93 -27.21 25.92 15.03
C GLU C 93 -25.73 26.02 14.60
N LEU C 94 -25.22 24.91 14.10
CA LEU C 94 -23.86 24.87 13.61
C LEU C 94 -23.70 25.85 12.44
N ALA C 95 -24.68 25.89 11.54
CA ALA C 95 -24.63 26.82 10.40
C ALA C 95 -24.45 28.29 10.82
N GLU C 96 -24.98 28.64 11.99
CA GLU C 96 -24.88 30.01 12.47
C GLU C 96 -23.43 30.31 12.88
N VAL C 97 -22.82 29.35 13.57
CA VAL C 97 -21.46 29.55 14.07
C VAL C 97 -20.44 29.56 12.93
N VAL C 98 -20.58 28.63 12.00
CA VAL C 98 -19.71 28.61 10.82
C VAL C 98 -19.86 29.91 10.04
N SER C 99 -21.11 30.36 9.92
CA SER C 99 -21.36 31.66 9.27
C SER C 99 -20.61 32.79 9.97
N ARG C 100 -20.70 32.82 11.29
CA ARG C 100 -20.00 33.82 12.08
C ARG C 100 -18.48 33.78 11.81
N ALA C 101 -17.90 32.58 11.86
CA ALA C 101 -16.45 32.42 11.70
C ALA C 101 -15.96 32.88 10.33
N VAL C 102 -16.69 32.50 9.29
CA VAL C 102 -16.32 32.84 7.92
C VAL C 102 -16.55 34.34 7.71
N SER C 103 -17.64 34.82 8.32
CA SER C 103 -17.98 36.23 8.34
C SER C 103 -16.86 37.07 8.93
N ASP C 104 -16.29 36.59 10.05
CA ASP C 104 -15.12 37.21 10.70
C ASP C 104 -13.79 36.98 9.98
N GLY C 105 -13.81 36.26 8.86
CA GLY C 105 -12.62 36.06 8.03
C GLY C 105 -11.72 34.86 8.36
N TYR C 106 -12.23 33.88 9.12
CA TYR C 106 -11.44 32.67 9.42
C TYR C 106 -11.71 31.55 8.43
N SER C 107 -10.68 30.76 8.15
CA SER C 107 -10.87 29.43 7.57
C SER C 107 -11.49 28.57 8.68
N CYS C 108 -12.64 28.00 8.43
CA CYS C 108 -13.40 27.34 9.49
C CYS C 108 -13.21 25.82 9.53
N VAL C 109 -12.54 25.36 10.59
CA VAL C 109 -12.33 23.93 10.84
C VAL C 109 -13.38 23.44 11.81
N THR C 110 -14.23 22.52 11.37
CA THR C 110 -15.22 21.90 12.25
C THR C 110 -14.82 20.46 12.46
N LEU C 111 -14.77 20.07 13.74
CA LEU C 111 -14.43 18.72 14.19
C LEU C 111 -15.73 17.99 14.46
N GLY C 112 -15.90 16.82 13.84
CA GLY C 112 -17.08 15.99 14.11
C GLY C 112 -16.79 14.89 15.10
N GLY C 113 -17.80 14.09 15.49
CA GLY C 113 -19.17 14.19 15.01
C GLY C 113 -19.36 13.51 13.66
N ASP C 114 -20.58 13.06 13.40
CA ASP C 114 -20.88 12.31 12.17
C ASP C 114 -21.03 13.25 10.97
N HIS C 115 -21.12 12.67 9.77
CA HIS C 115 -21.04 13.48 8.55
C HIS C 115 -22.33 14.27 8.20
N SER C 116 -23.42 13.99 8.93
CA SER C 116 -24.65 14.82 8.86
C SER C 116 -24.33 16.30 9.09
N LEU C 117 -23.26 16.60 9.82
CA LEU C 117 -22.88 17.99 10.15
C LEU C 117 -22.39 18.82 8.95
N ALA C 118 -22.06 18.16 7.85
CA ALA C 118 -21.76 18.93 6.63
C ALA C 118 -22.97 19.76 6.13
N ILE C 119 -24.18 19.33 6.50
CA ILE C 119 -25.38 20.12 6.18
C ILE C 119 -25.21 21.53 6.75
N GLY C 120 -24.88 21.58 8.04
CA GLY C 120 -24.68 22.87 8.72
C GLY C 120 -23.42 23.63 8.31
N THR C 121 -22.30 22.92 8.15
CA THR C 121 -21.06 23.60 7.81
C THR C 121 -21.06 24.18 6.39
N ILE C 122 -21.62 23.46 5.42
CA ILE C 122 -21.69 23.94 4.05
C ILE C 122 -22.77 25.06 3.88
N SER C 123 -23.93 24.87 4.50
CA SER C 123 -24.99 25.89 4.51
C SER C 123 -24.46 27.21 5.12
N GLY C 124 -23.82 27.11 6.27
CA GLY C 124 -23.21 28.29 6.91
C GLY C 124 -22.14 29.00 6.09
N HIS C 125 -21.25 28.21 5.50
CA HIS C 125 -20.22 28.68 4.59
C HIS C 125 -20.81 29.40 3.38
N ALA C 126 -21.82 28.78 2.77
CA ALA C 126 -22.49 29.30 1.57
C ALA C 126 -23.15 30.68 1.74
N ARG C 127 -23.52 30.97 2.99
CA ARG C 127 -24.05 32.28 3.39
C ARG C 127 -23.11 33.44 3.12
N HIS C 128 -21.85 33.12 2.80
CA HIS C 128 -20.81 34.11 2.59
C HIS C 128 -19.99 33.92 1.31
N CYS C 129 -20.18 32.76 0.68
CA CYS C 129 -19.40 32.40 -0.50
C CYS C 129 -20.31 31.83 -1.59
N PRO C 130 -20.80 32.68 -2.48
CA PRO C 130 -21.75 32.31 -3.52
C PRO C 130 -21.14 31.34 -4.54
N ASP C 131 -19.83 31.40 -4.70
CA ASP C 131 -19.19 30.56 -5.69
C ASP C 131 -18.39 29.46 -4.99
N LEU C 132 -18.84 29.07 -3.80
CA LEU C 132 -18.20 28.01 -3.05
C LEU C 132 -18.13 26.69 -3.90
N CYS C 133 -17.02 25.96 -3.78
CA CYS C 133 -16.97 24.59 -4.29
C CYS C 133 -16.58 23.63 -3.17
N VAL C 134 -16.82 22.34 -3.39
CA VAL C 134 -16.68 21.35 -2.34
C VAL C 134 -15.81 20.19 -2.86
N VAL C 135 -14.83 19.78 -2.06
CA VAL C 135 -14.10 18.55 -2.32
C VAL C 135 -14.51 17.67 -1.16
N TRP C 136 -15.10 16.53 -1.49
CA TRP C 136 -15.67 15.62 -0.49
C TRP C 136 -14.85 14.32 -0.49
N VAL C 137 -14.08 14.10 0.59
CA VAL C 137 -13.08 13.02 0.64
C VAL C 137 -13.68 12.00 1.58
N ASP C 138 -14.01 10.82 1.06
CA ASP C 138 -14.90 9.92 1.79
C ASP C 138 -14.94 8.59 1.11
N ALA C 139 -15.03 7.50 1.86
CA ALA C 139 -15.45 6.22 1.29
C ALA C 139 -16.87 6.23 0.70
N HIS C 140 -17.68 7.19 1.12
CA HIS C 140 -19.14 7.20 0.85
C HIS C 140 -19.53 8.49 0.19
N ALA C 141 -20.52 8.44 -0.71
CA ALA C 141 -21.01 9.63 -1.42
C ALA C 141 -21.98 10.46 -0.53
N ASP C 142 -22.59 9.82 0.46
CA ASP C 142 -23.51 10.51 1.40
C ASP C 142 -24.55 11.38 0.70
N ILE C 143 -25.12 10.81 -0.34
CA ILE C 143 -26.00 11.55 -1.22
C ILE C 143 -27.35 10.83 -1.43
N ASN C 144 -27.63 9.81 -0.63
CA ASN C 144 -29.01 9.32 -0.57
C ASN C 144 -29.97 10.46 -0.23
N THR C 145 -31.14 10.47 -0.86
CA THR C 145 -32.21 11.38 -0.42
C THR C 145 -32.93 10.66 0.75
N PRO C 146 -33.87 11.35 1.44
CA PRO C 146 -34.67 10.61 2.43
C PRO C 146 -35.56 9.51 1.86
N LEU C 147 -35.76 9.53 0.57
CA LEU C 147 -36.51 8.46 -0.11
C LEU C 147 -35.66 7.27 -0.60
N THR C 148 -34.37 7.50 -0.89
CA THR C 148 -33.52 6.42 -1.41
C THR C 148 -32.71 5.68 -0.35
N THR C 149 -32.58 6.29 0.83
CA THR C 149 -31.82 5.69 1.93
C THR C 149 -32.37 4.32 2.38
N SER C 150 -31.47 3.36 2.66
CA SER C 150 -31.84 2.06 3.22
C SER C 150 -31.78 2.05 4.75
N SER C 151 -30.82 2.79 5.30
CA SER C 151 -30.61 2.86 6.74
C SER C 151 -31.46 3.93 7.40
N GLY C 152 -31.79 4.99 6.67
CA GLY C 152 -32.46 6.14 7.26
C GLY C 152 -31.54 7.06 8.05
N ASN C 153 -30.24 6.73 8.07
CA ASN C 153 -29.23 7.52 8.80
C ASN C 153 -28.84 8.77 8.00
N LEU C 154 -28.97 9.93 8.64
CA LEU C 154 -28.81 11.20 7.90
C LEU C 154 -27.36 11.52 7.61
N HIS C 155 -26.44 10.79 8.26
CA HIS C 155 -25.04 10.99 7.89
C HIS C 155 -24.74 10.46 6.47
N GLY C 156 -25.68 9.67 5.91
CA GLY C 156 -25.55 9.17 4.53
C GLY C 156 -26.40 9.93 3.52
N GLN C 157 -26.97 11.03 3.99
CA GLN C 157 -27.85 11.89 3.19
C GLN C 157 -27.45 13.39 3.00
N PRO C 158 -26.36 13.86 3.64
CA PRO C 158 -26.22 15.33 3.74
C PRO C 158 -26.24 16.08 2.41
N VAL C 159 -25.60 15.51 1.38
CA VAL C 159 -25.44 16.20 0.11
C VAL C 159 -26.79 16.36 -0.60
N SER C 160 -27.73 15.45 -0.36
CA SER C 160 -29.03 15.56 -1.05
C SER C 160 -29.75 16.87 -0.67
N PHE C 161 -29.58 17.32 0.57
CA PHE C 161 -30.24 18.57 1.02
C PHE C 161 -29.51 19.85 0.52
N LEU C 162 -28.25 19.70 0.07
CA LEU C 162 -27.42 20.81 -0.37
C LEU C 162 -27.43 21.03 -1.87
N LEU C 163 -27.71 19.98 -2.65
CA LEU C 163 -27.58 20.03 -4.10
C LEU C 163 -28.83 20.61 -4.77
N ARG C 164 -28.66 21.68 -5.53
CA ARG C 164 -29.82 22.36 -6.16
C ARG C 164 -30.62 21.42 -7.07
N GLU C 165 -29.91 20.61 -7.86
CA GLU C 165 -30.52 19.67 -8.82
C GLU C 165 -31.46 18.62 -8.20
N LEU C 166 -31.27 18.32 -6.92
CA LEU C 166 -32.06 17.30 -6.22
C LEU C 166 -33.26 17.84 -5.45
N GLN C 167 -33.47 19.15 -5.49
CA GLN C 167 -34.46 19.76 -4.61
C GLN C 167 -35.86 19.11 -4.74
N ASP C 168 -36.29 18.85 -5.98
CA ASP C 168 -37.58 18.19 -6.29
C ASP C 168 -37.68 16.73 -5.83
N LYS C 169 -36.55 16.14 -5.41
CA LYS C 169 -36.48 14.73 -5.06
C LYS C 169 -36.37 14.57 -3.55
N VAL C 170 -36.27 15.69 -2.84
CA VAL C 170 -36.08 15.64 -1.42
C VAL C 170 -37.34 16.11 -0.71
N PRO C 171 -37.97 15.23 0.11
CA PRO C 171 -39.14 15.65 0.88
C PRO C 171 -38.74 16.56 2.02
N GLN C 172 -39.71 17.34 2.50
CA GLN C 172 -39.44 18.28 3.57
C GLN C 172 -39.47 17.49 4.87
N LEU C 173 -38.33 17.39 5.55
CA LEU C 173 -38.26 16.67 6.83
C LEU C 173 -38.49 17.63 7.99
N PRO C 174 -39.01 17.14 9.13
CA PRO C 174 -39.15 18.03 10.28
C PRO C 174 -37.80 18.51 10.78
N GLY C 175 -37.72 19.82 11.03
CA GLY C 175 -36.50 20.46 11.48
C GLY C 175 -35.61 20.89 10.32
N PHE C 176 -36.00 20.57 9.09
CA PHE C 176 -35.18 20.85 7.92
C PHE C 176 -35.70 22.01 7.05
N SER C 177 -36.74 22.70 7.51
CA SER C 177 -37.34 23.76 6.66
C SER C 177 -36.38 24.93 6.36
N TRP C 178 -35.42 25.17 7.25
CA TRP C 178 -34.48 26.29 7.12
C TRP C 178 -33.42 26.10 6.02
N ILE C 179 -33.27 24.88 5.48
CA ILE C 179 -32.14 24.64 4.55
C ILE C 179 -32.43 25.12 3.14
N LYS C 180 -31.47 25.82 2.54
CA LYS C 180 -31.58 26.21 1.15
C LYS C 180 -30.47 25.49 0.37
N PRO C 181 -30.84 24.67 -0.65
CA PRO C 181 -29.80 24.11 -1.54
C PRO C 181 -28.83 25.23 -1.96
N CYS C 182 -27.53 24.96 -1.94
CA CYS C 182 -26.56 26.03 -2.18
C CYS C 182 -25.36 25.66 -3.05
N ILE C 183 -25.35 24.44 -3.57
CA ILE C 183 -24.30 24.05 -4.52
C ILE C 183 -24.88 23.30 -5.71
N SER C 184 -24.30 23.48 -6.89
CA SER C 184 -24.76 22.77 -8.05
C SER C 184 -23.90 21.53 -8.26
N SER C 185 -24.41 20.61 -9.05
CA SER C 185 -23.78 19.30 -9.31
C SER C 185 -22.38 19.45 -9.92
N ALA C 186 -22.13 20.58 -10.57
CA ALA C 186 -20.82 20.85 -11.14
C ALA C 186 -19.80 21.38 -10.12
N SER C 187 -20.24 21.63 -8.90
CA SER C 187 -19.40 22.33 -7.92
C SER C 187 -18.94 21.47 -6.72
N ILE C 188 -19.21 20.16 -6.82
CA ILE C 188 -18.73 19.18 -5.83
C ILE C 188 -17.96 18.04 -6.54
N VAL C 189 -16.76 17.73 -6.06
CA VAL C 189 -16.02 16.58 -6.58
C VAL C 189 -15.76 15.63 -5.41
N TYR C 190 -16.05 14.35 -5.61
CA TYR C 190 -15.76 13.33 -4.61
C TYR C 190 -14.43 12.62 -4.85
N ILE C 191 -13.74 12.26 -3.78
CA ILE C 191 -12.49 11.53 -3.88
C ILE C 191 -12.51 10.42 -2.82
N GLY C 192 -12.28 9.18 -3.23
CA GLY C 192 -12.08 8.06 -2.29
C GLY C 192 -13.20 7.03 -2.21
N LEU C 193 -14.25 7.24 -3.00
CA LEU C 193 -15.48 6.43 -2.93
C LEU C 193 -15.18 4.97 -3.09
N ARG C 194 -15.88 4.14 -2.30
CA ARG C 194 -15.77 2.70 -2.47
C ARG C 194 -16.99 1.94 -2.00
N ASP C 195 -17.88 2.62 -1.28
CA ASP C 195 -19.14 2.04 -0.78
C ASP C 195 -20.32 2.94 -1.14
N VAL C 196 -20.88 2.68 -2.31
CA VAL C 196 -21.86 3.57 -2.92
C VAL C 196 -23.12 2.73 -3.14
N ASP C 197 -24.26 3.19 -2.64
CA ASP C 197 -25.56 2.56 -2.92
C ASP C 197 -25.98 2.73 -4.38
N PRO C 198 -26.76 1.76 -4.92
CA PRO C 198 -27.21 1.92 -6.31
C PRO C 198 -27.86 3.29 -6.62
N PRO C 199 -28.75 3.81 -5.74
CA PRO C 199 -29.37 5.12 -6.03
C PRO C 199 -28.34 6.24 -6.06
N GLU C 200 -27.29 6.10 -5.23
CA GLU C 200 -26.23 7.13 -5.18
C GLU C 200 -25.45 7.08 -6.48
N HIS C 201 -25.13 5.87 -6.95
CA HIS C 201 -24.50 5.73 -8.25
C HIS C 201 -25.34 6.39 -9.34
N PHE C 202 -26.65 6.13 -9.31
CA PHE C 202 -27.54 6.73 -10.32
C PHE C 202 -27.47 8.26 -10.20
N ILE C 203 -27.52 8.76 -8.97
CA ILE C 203 -27.45 10.23 -8.79
C ILE C 203 -26.16 10.83 -9.37
N LEU C 204 -25.04 10.19 -9.09
CA LEU C 204 -23.74 10.71 -9.53
C LEU C 204 -23.70 10.73 -11.04
N LYS C 205 -24.08 9.62 -11.64
CA LYS C 205 -23.98 9.52 -13.10
C LYS C 205 -24.99 10.43 -13.76
N ASN C 206 -26.23 10.37 -13.28
CA ASN C 206 -27.30 11.08 -13.97
C ASN C 206 -27.10 12.59 -13.96
N TYR C 207 -26.64 13.10 -12.82
CA TYR C 207 -26.41 14.54 -12.66
C TYR C 207 -25.02 15.05 -12.97
N ASP C 208 -24.18 14.21 -13.59
CA ASP C 208 -22.86 14.58 -14.01
C ASP C 208 -22.00 15.07 -12.85
N ILE C 209 -22.14 14.44 -11.70
CA ILE C 209 -21.28 14.75 -10.53
C ILE C 209 -19.97 13.97 -10.68
N GLN C 210 -18.87 14.70 -10.71
CA GLN C 210 -17.59 14.09 -10.98
C GLN C 210 -17.04 13.48 -9.68
N TYR C 211 -16.53 12.26 -9.80
CA TYR C 211 -16.00 11.54 -8.63
C TYR C 211 -14.80 10.69 -9.03
N PHE C 212 -13.84 10.57 -8.12
CA PHE C 212 -12.70 9.69 -8.32
C PHE C 212 -12.76 8.63 -7.25
N SER C 213 -13.30 7.46 -7.59
CA SER C 213 -13.42 6.35 -6.61
C SER C 213 -12.00 5.79 -6.38
N MET C 214 -11.87 4.90 -5.39
CA MET C 214 -10.61 4.17 -5.21
C MET C 214 -10.15 3.55 -6.54
N ARG C 215 -11.10 3.10 -7.36
CA ARG C 215 -10.73 2.52 -8.66
C ARG C 215 -10.10 3.58 -9.58
N ASP C 216 -10.67 4.78 -9.60
CA ASP C 216 -10.08 5.86 -10.39
C ASP C 216 -8.68 6.20 -9.89
N ILE C 217 -8.49 6.19 -8.58
CA ILE C 217 -7.17 6.46 -8.02
C ILE C 217 -6.16 5.34 -8.38
N ASP C 218 -6.61 4.08 -8.35
CA ASP C 218 -5.77 2.94 -8.74
C ASP C 218 -5.23 3.15 -10.17
N ARG C 219 -6.11 3.66 -11.04
CA ARG C 219 -5.78 3.90 -12.45
C ARG C 219 -4.96 5.14 -12.72
N LEU C 220 -5.36 6.27 -12.13
CA LEU C 220 -4.73 7.55 -12.50
C LEU C 220 -3.59 7.88 -11.57
N GLY C 221 -3.70 7.46 -10.32
CA GLY C 221 -2.80 7.95 -9.30
C GLY C 221 -3.29 9.26 -8.70
N ILE C 222 -3.02 9.45 -7.41
CA ILE C 222 -3.47 10.62 -6.69
C ILE C 222 -3.03 12.02 -7.27
N GLN C 223 -1.88 12.10 -7.92
CA GLN C 223 -1.45 13.37 -8.54
C GLN C 223 -2.44 13.84 -9.62
N LYS C 224 -2.75 12.95 -10.57
CA LYS C 224 -3.72 13.23 -11.65
C LYS C 224 -5.12 13.43 -11.11
N VAL C 225 -5.48 12.70 -10.06
CA VAL C 225 -6.76 12.91 -9.40
C VAL C 225 -6.92 14.34 -8.88
N MET C 226 -5.89 14.86 -8.23
CA MET C 226 -5.98 16.21 -7.69
C MET C 226 -5.94 17.26 -8.80
N GLU C 227 -5.09 17.02 -9.80
CA GLU C 227 -5.02 17.92 -10.95
C GLU C 227 -6.37 18.05 -11.64
N ARG C 228 -7.04 16.91 -11.85
CA ARG C 228 -8.31 16.94 -12.54
C ARG C 228 -9.37 17.56 -11.68
N THR C 229 -9.33 17.25 -10.37
CA THR C 229 -10.23 17.86 -9.39
C THR C 229 -10.21 19.39 -9.46
N PHE C 230 -9.00 19.97 -9.45
CA PHE C 230 -8.90 21.41 -9.48
C PHE C 230 -9.25 21.96 -10.84
N ASP C 231 -8.87 21.24 -11.90
CA ASP C 231 -9.28 21.62 -13.24
C ASP C 231 -10.80 21.78 -13.36
N LEU C 232 -11.52 20.81 -12.83
CA LEU C 232 -13.00 20.84 -12.81
C LEU C 232 -13.59 21.99 -12.00
N LEU C 233 -13.02 22.24 -10.81
CA LEU C 233 -13.62 23.20 -9.93
C LEU C 233 -13.10 24.64 -10.13
N ILE C 234 -11.79 24.79 -10.26
CA ILE C 234 -11.17 26.13 -10.22
C ILE C 234 -10.33 26.35 -11.45
N GLY C 235 -10.61 25.58 -12.48
CA GLY C 235 -9.89 25.74 -13.75
C GLY C 235 -10.14 27.07 -14.45
N LYS C 236 -11.35 27.60 -14.30
CA LYS C 236 -11.75 28.85 -14.98
C LYS C 236 -11.64 30.09 -14.07
N ARG C 237 -11.85 29.90 -12.77
CA ARG C 237 -11.80 31.04 -11.85
C ARG C 237 -11.46 30.57 -10.46
N GLN C 238 -10.90 31.47 -9.65
CA GLN C 238 -10.68 31.18 -8.23
C GLN C 238 -12.00 31.16 -7.43
N ARG C 239 -12.09 30.23 -6.48
CA ARG C 239 -13.29 29.98 -5.70
C ARG C 239 -12.87 29.50 -4.30
N PRO C 240 -13.64 29.88 -3.28
CA PRO C 240 -13.34 29.33 -1.96
C PRO C 240 -13.65 27.83 -1.95
N ILE C 241 -12.82 27.05 -1.23
CA ILE C 241 -12.95 25.60 -1.20
C ILE C 241 -13.40 25.17 0.17
N HIS C 242 -14.36 24.25 0.16
CA HIS C 242 -14.81 23.61 1.37
C HIS C 242 -14.37 22.15 1.26
N LEU C 243 -13.44 21.74 2.12
CA LEU C 243 -12.98 20.34 2.16
C LEU C 243 -13.75 19.62 3.22
N SER C 244 -14.55 18.64 2.83
CA SER C 244 -15.30 17.88 3.80
C SER C 244 -14.65 16.52 3.87
N PHE C 245 -13.90 16.30 4.94
CA PHE C 245 -13.01 15.13 5.01
C PHE C 245 -13.47 14.15 6.05
N ASP C 246 -13.90 12.97 5.60
CA ASP C 246 -14.29 11.88 6.46
C ASP C 246 -13.08 10.96 6.67
N ILE C 247 -12.71 10.79 7.93
CA ILE C 247 -11.57 9.94 8.29
C ILE C 247 -11.69 8.52 7.72
N ASP C 248 -12.92 8.07 7.48
CA ASP C 248 -13.12 6.77 6.87
C ASP C 248 -12.73 6.71 5.38
N ALA C 249 -12.33 7.86 4.82
CA ALA C 249 -11.68 7.85 3.49
C ALA C 249 -10.41 6.97 3.53
N PHE C 250 -9.68 7.02 4.65
CA PHE C 250 -8.45 6.23 4.82
C PHE C 250 -8.76 4.76 5.05
N ASP C 251 -7.81 3.91 4.70
CA ASP C 251 -7.95 2.50 4.97
C ASP C 251 -8.20 2.29 6.46
N PRO C 252 -9.06 1.30 6.82
CA PRO C 252 -9.31 1.07 8.26
C PRO C 252 -8.11 0.59 9.05
N THR C 253 -7.08 0.07 8.39
CA THR C 253 -5.84 -0.22 9.10
C THR C 253 -5.17 1.04 9.63
N LEU C 254 -5.38 2.19 8.94
CA LEU C 254 -4.86 3.49 9.40
C LEU C 254 -5.85 4.27 10.28
N ALA C 255 -7.13 4.14 10.00
CA ALA C 255 -8.17 4.89 10.71
C ALA C 255 -9.28 3.92 11.17
N PRO C 256 -8.94 3.07 12.17
CA PRO C 256 -9.87 2.03 12.62
C PRO C 256 -11.01 2.57 13.48
N ALA C 257 -10.79 3.70 14.14
CA ALA C 257 -11.78 4.26 15.07
C ALA C 257 -12.85 5.09 14.35
N THR C 258 -13.78 4.41 13.67
CA THR C 258 -14.78 5.07 12.85
C THR C 258 -15.90 4.09 12.65
N GLY C 259 -17.12 4.59 12.47
CA GLY C 259 -18.33 3.74 12.53
C GLY C 259 -18.68 2.98 11.27
N THR C 260 -18.22 3.48 10.12
CA THR C 260 -18.50 2.81 8.85
C THR C 260 -17.21 2.57 8.05
N PRO C 261 -16.28 1.76 8.61
CA PRO C 261 -15.02 1.44 7.93
C PRO C 261 -15.24 0.62 6.66
N VAL C 262 -14.46 0.90 5.62
CA VAL C 262 -14.60 0.09 4.41
C VAL C 262 -13.18 -0.22 3.97
N VAL C 263 -12.89 -1.49 3.74
CA VAL C 263 -11.53 -1.89 3.41
C VAL C 263 -11.11 -1.32 2.03
N GLY C 264 -9.80 -1.16 1.84
CA GLY C 264 -9.19 -0.68 0.61
C GLY C 264 -9.27 0.83 0.42
N GLY C 265 -8.96 1.58 1.49
CA GLY C 265 -9.03 3.05 1.45
C GLY C 265 -7.73 3.71 1.08
N LEU C 266 -7.72 5.03 1.21
CA LEU C 266 -6.52 5.84 1.03
C LEU C 266 -5.38 5.38 1.92
N THR C 267 -4.17 5.46 1.39
CA THR C 267 -2.97 5.28 2.20
C THR C 267 -2.69 6.58 2.96
N TYR C 268 -1.76 6.54 3.92
CA TYR C 268 -1.35 7.74 4.62
C TYR C 268 -0.82 8.78 3.62
N ARG C 269 0.06 8.33 2.74
CA ARG C 269 0.64 9.21 1.70
C ARG C 269 -0.38 9.88 0.79
N GLU C 270 -1.36 9.13 0.29
CA GLU C 270 -2.38 9.72 -0.60
C GLU C 270 -3.17 10.78 0.15
N GLY C 271 -3.52 10.49 1.40
CA GLY C 271 -4.32 11.43 2.18
C GLY C 271 -3.58 12.73 2.45
N MET C 272 -2.27 12.62 2.76
CA MET C 272 -1.45 13.80 2.97
C MET C 272 -1.34 14.55 1.67
N TYR C 273 -1.23 13.81 0.56
CA TYR C 273 -1.12 14.44 -0.76
C TYR C 273 -2.34 15.29 -1.10
N ILE C 274 -3.54 14.76 -0.82
CA ILE C 274 -4.80 15.49 -1.02
C ILE C 274 -4.74 16.83 -0.24
N ALA C 275 -4.45 16.72 1.03
CA ALA C 275 -4.39 17.87 1.96
C ALA C 275 -3.39 18.93 1.49
N GLU C 276 -2.17 18.47 1.15
CA GLU C 276 -1.09 19.34 0.64
C GLU C 276 -1.52 20.05 -0.60
N GLU C 277 -2.20 19.34 -1.51
CA GLU C 277 -2.67 20.00 -2.75
C GLU C 277 -3.78 21.02 -2.44
N ILE C 278 -4.65 20.70 -1.49
CA ILE C 278 -5.67 21.66 -1.07
C ILE C 278 -4.97 22.91 -0.50
N HIS C 279 -3.98 22.71 0.37
CA HIS C 279 -3.20 23.86 0.88
C HIS C 279 -2.64 24.73 -0.25
N ASN C 280 -2.00 24.09 -1.24
CA ASN C 280 -1.26 24.78 -2.30
C ASN C 280 -2.14 25.63 -3.20
N THR C 281 -3.45 25.39 -3.20
CA THR C 281 -4.38 26.27 -3.95
C THR C 281 -4.42 27.68 -3.37
N GLY C 282 -4.20 27.79 -2.05
CA GLY C 282 -4.39 29.05 -1.30
C GLY C 282 -5.88 29.43 -1.18
N LEU C 283 -6.78 28.47 -1.44
CA LEU C 283 -8.21 28.73 -1.51
C LEU C 283 -9.03 28.01 -0.47
N LEU C 284 -8.37 27.30 0.42
CA LEU C 284 -9.09 26.62 1.49
C LEU C 284 -9.83 27.57 2.44
N SER C 285 -11.15 27.44 2.46
CA SER C 285 -11.98 28.37 3.21
C SER C 285 -12.68 27.71 4.42
N ALA C 286 -13.08 26.46 4.30
CA ALA C 286 -13.56 25.67 5.46
C ALA C 286 -13.16 24.20 5.31
N LEU C 287 -13.03 23.50 6.43
CA LEU C 287 -12.69 22.08 6.39
C LEU C 287 -13.51 21.35 7.46
N ASP C 288 -14.15 20.23 7.13
CA ASP C 288 -14.76 19.36 8.16
C ASP C 288 -13.86 18.15 8.35
N LEU C 289 -13.62 17.74 9.60
CA LEU C 289 -12.92 16.47 9.86
C LEU C 289 -13.88 15.65 10.70
N VAL C 290 -14.54 14.71 10.04
CA VAL C 290 -15.66 14.02 10.66
C VAL C 290 -15.44 12.51 10.85
N GLU C 291 -16.29 11.92 11.70
CA GLU C 291 -16.45 10.46 11.86
C GLU C 291 -15.42 9.71 12.71
N VAL C 292 -14.55 10.44 13.40
CA VAL C 292 -13.63 9.83 14.36
C VAL C 292 -14.48 9.42 15.57
N ASN C 293 -14.51 8.12 15.87
CA ASN C 293 -15.24 7.55 17.00
C ASN C 293 -14.24 6.68 17.80
N PRO C 294 -13.56 7.30 18.78
CA PRO C 294 -12.56 6.64 19.65
C PRO C 294 -13.12 5.45 20.44
N GLN C 295 -14.42 5.44 20.69
CA GLN C 295 -15.07 4.33 21.39
C GLN C 295 -15.16 3.05 20.55
N LEU C 296 -14.96 3.18 19.25
CA LEU C 296 -14.99 2.02 18.37
C LEU C 296 -13.63 1.37 18.16
N ALA C 297 -12.58 2.02 18.67
CA ALA C 297 -11.24 1.44 18.65
C ALA C 297 -11.19 0.20 19.58
N THR C 298 -10.39 -0.80 19.20
CA THR C 298 -10.21 -2.02 20.02
C THR C 298 -9.07 -1.85 21.03
N SER C 299 -8.40 -0.70 20.98
CA SER C 299 -7.31 -0.38 21.90
C SER C 299 -7.16 1.13 21.99
N GLU C 300 -6.45 1.58 23.03
CA GLU C 300 -6.12 2.98 23.19
C GLU C 300 -5.29 3.50 22.02
N GLU C 301 -4.32 2.71 21.56
CA GLU C 301 -3.46 3.16 20.47
C GLU C 301 -4.20 3.20 19.12
N GLU C 302 -5.15 2.28 18.89
CA GLU C 302 -6.09 2.41 17.74
C GLU C 302 -6.83 3.78 17.76
N ALA C 303 -7.37 4.16 18.92
CA ALA C 303 -8.05 5.45 19.07
C ALA C 303 -7.09 6.61 18.83
N LYS C 304 -5.95 6.59 19.53
CA LYS C 304 -4.91 7.62 19.35
C LYS C 304 -4.33 7.71 17.91
N THR C 305 -4.10 6.59 17.24
CA THR C 305 -3.57 6.66 15.86
C THR C 305 -4.59 7.38 14.93
N THR C 306 -5.87 7.11 15.14
CA THR C 306 -6.94 7.72 14.33
C THR C 306 -7.00 9.24 14.55
N ALA C 307 -6.91 9.66 15.81
CA ALA C 307 -6.86 11.08 16.16
C ALA C 307 -5.62 11.75 15.64
N ASN C 308 -4.47 11.08 15.75
CA ASN C 308 -3.22 11.62 15.23
C ASN C 308 -3.29 11.85 13.70
N LEU C 309 -3.85 10.87 13.00
CA LEU C 309 -4.11 10.98 11.57
C LEU C 309 -5.03 12.16 11.24
N ALA C 310 -6.12 12.33 12.00
CA ALA C 310 -6.97 13.51 11.87
C ALA C 310 -6.17 14.79 11.96
N VAL C 311 -5.28 14.89 12.97
CA VAL C 311 -4.44 16.08 13.09
C VAL C 311 -3.52 16.30 11.92
N ASP C 312 -2.90 15.24 11.41
CA ASP C 312 -2.08 15.37 10.21
C ASP C 312 -2.86 15.91 9.01
N VAL C 313 -4.10 15.44 8.82
CA VAL C 313 -4.91 15.91 7.67
C VAL C 313 -5.12 17.43 7.80
N ILE C 314 -5.58 17.87 8.98
CA ILE C 314 -5.87 19.28 9.24
C ILE C 314 -4.60 20.12 9.12
N ALA C 315 -3.50 19.67 9.74
CA ALA C 315 -2.23 20.42 9.68
C ALA C 315 -1.71 20.55 8.24
N SER C 316 -1.80 19.45 7.46
CA SER C 316 -1.36 19.48 6.09
C SER C 316 -2.24 20.38 5.24
N SER C 317 -3.54 20.42 5.55
CA SER C 317 -4.41 21.37 4.88
C SER C 317 -4.03 22.86 5.09
N PHE C 318 -3.27 23.13 6.15
CA PHE C 318 -2.84 24.48 6.50
C PHE C 318 -1.31 24.70 6.47
N GLY C 319 -0.59 23.76 5.85
CA GLY C 319 0.75 24.06 5.34
C GLY C 319 1.85 23.12 5.79
N GLN C 320 1.49 22.14 6.62
CA GLN C 320 2.46 21.10 7.04
C GLN C 320 2.81 20.27 5.80
N THR C 321 4.11 20.07 5.59
CA THR C 321 4.60 19.34 4.40
C THR C 321 5.56 18.23 4.82
N ARG C 322 5.88 17.39 3.83
CA ARG C 322 6.79 16.26 3.93
C ARG C 322 8.23 16.68 3.56
N GLU C 323 8.53 17.97 3.51
CA GLU C 323 9.86 18.41 3.04
C GLU C 323 10.51 19.59 3.81
N GLY C 324 9.95 19.92 4.98
CA GLY C 324 10.49 20.98 5.83
C GLY C 324 10.35 22.39 5.28
N GLY C 325 9.38 22.60 4.39
CA GLY C 325 9.21 23.89 3.72
C GLY C 325 8.37 24.94 4.46
N HIS C 326 7.77 24.56 5.59
CA HIS C 326 6.88 25.48 6.36
C HIS C 326 7.57 26.39 7.37
#